data_8OIO
#
_entry.id   8OIO
#
_cell.length_a   80.469
_cell.length_b   73.086
_cell.length_c   103.734
_cell.angle_alpha   90.000
_cell.angle_beta   98.810
_cell.angle_gamma   90.000
#
_symmetry.space_group_name_H-M   'P 1 21 1'
#
loop_
_entity.id
_entity.type
_entity.pdbx_description
1 polymer 'Kelch-like protein 12'
2 polymer 'Pleckstrin homology domain-containing family A member 4'
3 non-polymer 1,2-ETHANEDIOL
4 non-polymer 'CHLORIDE ION'
5 non-polymer 'SODIUM ION'
6 water water
#
loop_
_entity_poly.entity_id
_entity_poly.type
_entity_poly.pdbx_seq_one_letter_code
_entity_poly.pdbx_strand_id
1 'polypeptide(L)'
;SMQGPRTRARLGANEVLLVVGGFGSQQSPIDVVEKYDPKTQEWSFLPSITRKRRYVASVSLHDRIYVIGGYDGRSRLSSV
ECLDYTADEDGVWYSVAPMNVRRGLAGATTLGDMIYVSGGFDGSRRHTSMERYDPNIDQWSMLGDMQTAREGAGLVVASG
VIYCLGGYDGLNILNSVEKYDPHTGHWTNVTPMATKRSGAGVALLNDHIYVVGGFDGTAHLSSVEAYNIRTDSWTTVTSM
TTPRCYVGATVLRGRLYAIAGYDGNSLLSSIECYDPIIDSWEVVTSMGTQRCDAGVCVLRE
;
A,B,C,D
2 'polypeptide(L)' PGGPGGPPEVS F,G,H,E
#
loop_
_chem_comp.id
_chem_comp.type
_chem_comp.name
_chem_comp.formula
CL non-polymer 'CHLORIDE ION' 'Cl -1'
EDO non-polymer 1,2-ETHANEDIOL 'C2 H6 O2'
NA non-polymer 'SODIUM ION' 'Na 1'
#
# COMPACT_ATOMS: atom_id res chain seq x y z
N ALA A 13 11.71 -50.67 0.00
CA ALA A 13 11.59 -52.12 0.17
C ALA A 13 10.12 -52.55 0.28
N ASN A 14 9.62 -53.22 -0.76
CA ASN A 14 8.23 -53.65 -0.86
C ASN A 14 7.26 -52.48 -0.90
N GLU A 15 7.70 -51.33 -1.42
CA GLU A 15 6.77 -50.26 -1.72
C GLU A 15 6.03 -50.55 -3.01
N VAL A 16 4.85 -49.94 -3.17
CA VAL A 16 4.03 -50.16 -4.35
C VAL A 16 3.46 -48.83 -4.82
N LEU A 17 3.00 -48.83 -6.06
CA LEU A 17 2.44 -47.64 -6.69
CA LEU A 17 2.44 -47.65 -6.71
C LEU A 17 0.93 -47.65 -6.56
N LEU A 18 0.38 -46.49 -6.20
CA LEU A 18 -1.06 -46.32 -6.10
C LEU A 18 -1.55 -45.25 -7.09
N VAL A 19 -2.64 -45.55 -7.80
CA VAL A 19 -3.20 -44.68 -8.84
C VAL A 19 -4.70 -44.58 -8.62
N VAL A 20 -5.22 -43.36 -8.45
CA VAL A 20 -6.60 -43.11 -8.04
CA VAL A 20 -6.60 -43.13 -8.05
C VAL A 20 -7.25 -42.12 -9.00
N GLY A 21 -8.52 -42.38 -9.36
CA GLY A 21 -9.32 -41.44 -10.10
C GLY A 21 -8.81 -41.17 -11.51
N GLY A 22 -9.05 -39.95 -11.96
CA GLY A 22 -8.64 -39.52 -13.28
C GLY A 22 -9.78 -39.59 -14.27
N PHE A 23 -9.39 -39.53 -15.55
CA PHE A 23 -10.30 -39.50 -16.68
C PHE A 23 -10.21 -40.86 -17.38
N GLY A 24 -11.35 -41.56 -17.48
CA GLY A 24 -11.38 -42.90 -18.02
C GLY A 24 -11.80 -42.97 -19.49
N SER A 25 -11.85 -44.20 -20.00
CA SER A 25 -12.10 -44.44 -21.41
C SER A 25 -13.55 -44.21 -21.79
N GLN A 26 -14.46 -44.10 -20.83
CA GLN A 26 -15.84 -43.68 -21.08
C GLN A 26 -15.98 -42.16 -21.10
N GLN A 27 -14.86 -41.43 -21.10
CA GLN A 27 -14.85 -39.97 -21.22
C GLN A 27 -15.58 -39.30 -20.05
N SER A 28 -15.23 -39.72 -18.84
CA SER A 28 -15.80 -39.15 -17.63
C SER A 28 -14.88 -39.46 -16.46
N PRO A 29 -14.96 -38.69 -15.37
CA PRO A 29 -14.21 -39.04 -14.16
C PRO A 29 -14.60 -40.40 -13.65
N ILE A 30 -13.65 -41.09 -13.01
CA ILE A 30 -13.84 -42.43 -12.50
C ILE A 30 -13.48 -42.47 -11.02
N ASP A 31 -13.80 -43.59 -10.38
CA ASP A 31 -13.49 -43.80 -8.97
C ASP A 31 -12.50 -44.94 -8.74
N VAL A 32 -11.89 -45.46 -9.80
CA VAL A 32 -11.05 -46.64 -9.69
C VAL A 32 -9.79 -46.33 -8.89
N VAL A 33 -9.46 -47.20 -7.96
CA VAL A 33 -8.20 -47.18 -7.22
C VAL A 33 -7.46 -48.48 -7.53
N GLU A 34 -6.22 -48.37 -8.01
CA GLU A 34 -5.39 -49.52 -8.32
C GLU A 34 -4.04 -49.39 -7.63
N LYS A 35 -3.45 -50.54 -7.32
CA LYS A 35 -2.06 -50.60 -6.89
C LYS A 35 -1.27 -51.45 -7.87
N TYR A 36 -0.03 -51.04 -8.11
CA TYR A 36 0.89 -51.77 -8.96
C TYR A 36 2.12 -52.14 -8.14
N ASP A 37 2.57 -53.39 -8.27
CA ASP A 37 3.75 -53.85 -7.56
C ASP A 37 4.89 -54.00 -8.56
N PRO A 38 5.86 -53.09 -8.58
CA PRO A 38 6.94 -53.21 -9.57
C PRO A 38 7.70 -54.51 -9.50
N LYS A 39 7.83 -55.09 -8.29
CA LYS A 39 8.56 -56.35 -8.14
C LYS A 39 7.83 -57.50 -8.82
N THR A 40 6.63 -57.84 -8.33
CA THR A 40 5.84 -58.90 -8.93
C THR A 40 5.19 -58.49 -10.25
N GLN A 41 5.15 -57.19 -10.56
CA GLN A 41 4.52 -56.69 -11.79
C GLN A 41 3.01 -56.96 -11.81
N GLU A 42 2.41 -57.12 -10.63
CA GLU A 42 0.99 -57.42 -10.52
C GLU A 42 0.21 -56.15 -10.16
N TRP A 43 -0.98 -56.02 -10.73
CA TRP A 43 -1.93 -54.97 -10.39
C TRP A 43 -3.00 -55.53 -9.48
N SER A 44 -3.66 -54.64 -8.74
CA SER A 44 -4.82 -55.05 -7.96
C SER A 44 -5.72 -53.85 -7.69
N PHE A 45 -7.01 -54.12 -7.53
CA PHE A 45 -7.97 -53.08 -7.18
C PHE A 45 -8.01 -52.89 -5.66
N LEU A 46 -8.17 -51.65 -5.24
CA LEU A 46 -8.52 -51.29 -3.87
C LEU A 46 -9.95 -50.76 -3.85
N PRO A 47 -10.55 -50.62 -2.68
CA PRO A 47 -11.90 -50.00 -2.61
C PRO A 47 -11.97 -48.68 -3.36
N SER A 48 -13.02 -48.53 -4.17
CA SER A 48 -13.22 -47.32 -4.96
C SER A 48 -13.43 -46.11 -4.06
N ILE A 49 -13.03 -44.93 -4.56
CA ILE A 49 -13.31 -43.71 -3.83
C ILE A 49 -14.80 -43.44 -3.91
N THR A 50 -15.27 -42.48 -3.13
CA THR A 50 -16.70 -42.25 -3.00
C THR A 50 -17.22 -41.40 -4.15
N ARG A 51 -16.53 -40.30 -4.46
CA ARG A 51 -16.89 -39.44 -5.56
C ARG A 51 -15.90 -39.63 -6.70
N LYS A 52 -16.42 -39.80 -7.92
CA LYS A 52 -15.58 -39.83 -9.10
C LYS A 52 -14.89 -38.48 -9.29
N ARG A 53 -13.59 -38.53 -9.55
CA ARG A 53 -12.72 -37.34 -9.54
C ARG A 53 -11.69 -37.49 -10.64
N ARG A 54 -11.71 -36.58 -11.61
CA ARG A 54 -10.57 -36.36 -12.49
C ARG A 54 -9.81 -35.14 -11.99
N TYR A 55 -8.72 -34.79 -12.67
CA TYR A 55 -7.92 -33.61 -12.29
C TYR A 55 -7.57 -33.62 -10.79
N VAL A 56 -7.38 -34.82 -10.24
CA VAL A 56 -7.31 -35.02 -8.81
C VAL A 56 -5.85 -35.28 -8.39
N ALA A 57 -5.54 -35.01 -7.12
CA ALA A 57 -4.20 -35.28 -6.60
C ALA A 57 -4.29 -36.21 -5.41
N SER A 58 -3.24 -37.00 -5.23
CA SER A 58 -3.14 -37.94 -4.12
C SER A 58 -1.75 -37.86 -3.50
N VAL A 59 -1.69 -38.02 -2.18
CA VAL A 59 -0.43 -38.21 -1.45
C VAL A 59 -0.68 -39.29 -0.42
N SER A 60 0.41 -39.90 0.05
CA SER A 60 0.37 -40.83 1.17
C SER A 60 1.09 -40.22 2.36
N LEU A 61 0.54 -40.43 3.55
CA LEU A 61 1.06 -39.82 4.77
C LEU A 61 0.78 -40.76 5.93
N HIS A 62 1.83 -41.38 6.46
CA HIS A 62 1.74 -42.24 7.65
C HIS A 62 0.72 -43.35 7.47
N ASP A 63 0.90 -44.13 6.40
CA ASP A 63 0.01 -45.23 6.06
C ASP A 63 -1.44 -44.76 5.83
N ARG A 64 -1.60 -43.50 5.42
CA ARG A 64 -2.91 -42.97 5.04
C ARG A 64 -2.84 -42.44 3.62
N ILE A 65 -3.82 -42.83 2.80
CA ILE A 65 -3.94 -42.29 1.45
C ILE A 65 -4.87 -41.11 1.50
N TYR A 66 -4.47 -40.02 0.87
CA TYR A 66 -5.34 -38.86 0.74
C TYR A 66 -5.64 -38.62 -0.73
N VAL A 67 -6.91 -38.35 -1.01
CA VAL A 67 -7.40 -37.98 -2.33
C VAL A 67 -8.00 -36.60 -2.20
N ILE A 68 -7.55 -35.66 -3.01
CA ILE A 68 -7.67 -34.24 -2.71
C ILE A 68 -8.29 -33.52 -3.90
N GLY A 69 -9.47 -32.93 -3.68
CA GLY A 69 -10.06 -32.07 -4.69
C GLY A 69 -10.38 -32.83 -5.97
N GLY A 70 -10.06 -32.21 -7.09
CA GLY A 70 -10.34 -32.80 -8.39
C GLY A 70 -11.57 -32.21 -9.04
N TYR A 71 -12.36 -33.05 -9.68
CA TYR A 71 -13.47 -32.58 -10.50
C TYR A 71 -14.36 -33.75 -10.86
N ASP A 72 -15.65 -33.65 -10.55
CA ASP A 72 -16.59 -34.74 -10.71
C ASP A 72 -17.33 -34.72 -12.04
N GLY A 73 -16.96 -33.83 -12.96
CA GLY A 73 -17.69 -33.58 -14.18
C GLY A 73 -18.71 -32.47 -14.06
N ARG A 74 -19.06 -32.06 -12.84
CA ARG A 74 -19.98 -30.96 -12.62
C ARG A 74 -19.27 -29.75 -12.02
N SER A 75 -18.61 -29.90 -10.87
CA SER A 75 -17.92 -28.80 -10.22
C SER A 75 -16.52 -29.21 -9.81
N ARG A 76 -15.64 -28.21 -9.67
CA ARG A 76 -14.37 -28.42 -9.00
C ARG A 76 -14.60 -28.58 -7.50
N LEU A 77 -13.72 -29.33 -6.86
CA LEU A 77 -13.96 -29.83 -5.51
C LEU A 77 -12.90 -29.34 -4.53
N SER A 78 -13.34 -29.00 -3.34
CA SER A 78 -12.42 -28.77 -2.23
C SER A 78 -12.42 -29.94 -1.25
N SER A 79 -13.27 -30.93 -1.46
CA SER A 79 -13.41 -32.05 -0.52
C SER A 79 -12.21 -32.99 -0.61
N VAL A 80 -11.96 -33.69 0.50
CA VAL A 80 -10.84 -34.59 0.65
C VAL A 80 -11.35 -35.83 1.38
N GLU A 81 -10.89 -37.00 0.94
CA GLU A 81 -11.21 -38.24 1.63
C GLU A 81 -9.95 -39.08 1.78
N CYS A 82 -10.02 -40.00 2.74
CA CYS A 82 -8.85 -40.66 3.29
C CYS A 82 -9.12 -42.15 3.46
N LEU A 83 -8.11 -42.97 3.24
CA LEU A 83 -8.20 -44.41 3.49
C LEU A 83 -7.00 -44.89 4.29
N ASP A 84 -7.26 -45.60 5.39
CA ASP A 84 -6.22 -46.20 6.21
C ASP A 84 -5.76 -47.50 5.57
N TYR A 85 -4.50 -47.54 5.13
CA TYR A 85 -3.98 -48.74 4.47
C TYR A 85 -3.36 -49.70 5.48
N GLY A 91 -10.28 -52.03 3.98
CA GLY A 91 -10.18 -50.58 4.09
C GLY A 91 -11.43 -49.86 3.61
N VAL A 92 -11.75 -48.74 4.26
CA VAL A 92 -12.95 -47.95 3.96
C VAL A 92 -12.56 -46.50 3.76
N TRP A 93 -13.11 -45.87 2.73
CA TRP A 93 -12.86 -44.45 2.48
C TRP A 93 -13.74 -43.59 3.38
N TYR A 94 -13.18 -42.48 3.87
CA TYR A 94 -13.89 -41.58 4.76
C TYR A 94 -13.46 -40.14 4.51
N SER A 95 -14.39 -39.20 4.77
CA SER A 95 -14.19 -37.79 4.50
C SER A 95 -13.47 -37.09 5.66
N VAL A 96 -12.52 -36.22 5.33
CA VAL A 96 -11.87 -35.36 6.33
C VAL A 96 -12.17 -33.91 6.00
N ALA A 97 -11.44 -32.98 6.60
CA ALA A 97 -11.73 -31.57 6.41
C ALA A 97 -11.41 -31.16 4.98
N PRO A 98 -12.26 -30.32 4.37
CA PRO A 98 -12.00 -29.89 3.00
C PRO A 98 -11.02 -28.73 2.95
N MET A 99 -10.41 -28.56 1.78
CA MET A 99 -9.57 -27.40 1.55
C MET A 99 -10.43 -26.14 1.52
N ASN A 100 -9.77 -24.98 1.63
CA ASN A 100 -10.46 -23.72 1.54
C ASN A 100 -10.78 -23.33 0.10
N VAL A 101 -10.13 -23.96 -0.88
CA VAL A 101 -10.28 -23.62 -2.29
C VAL A 101 -10.61 -24.89 -3.05
N ARG A 102 -11.61 -24.80 -3.96
CA ARG A 102 -11.82 -25.86 -4.94
C ARG A 102 -10.65 -25.90 -5.92
N ARG A 103 -10.05 -27.08 -6.09
CA ARG A 103 -8.82 -27.18 -6.89
C ARG A 103 -8.86 -28.43 -7.75
N GLY A 104 -8.83 -28.23 -9.07
CA GLY A 104 -8.50 -29.29 -10.00
C GLY A 104 -7.11 -29.03 -10.57
N LEU A 105 -6.36 -30.11 -10.82
CA LEU A 105 -4.99 -30.00 -11.33
C LEU A 105 -4.14 -29.11 -10.42
N ALA A 106 -4.20 -29.39 -9.12
CA ALA A 106 -3.28 -28.74 -8.19
C ALA A 106 -2.05 -29.63 -7.98
N GLY A 107 -0.97 -29.01 -7.51
CA GLY A 107 0.17 -29.77 -7.01
C GLY A 107 -0.04 -30.14 -5.56
N ALA A 108 0.52 -31.29 -5.16
CA ALA A 108 0.37 -31.79 -3.80
C ALA A 108 1.59 -32.60 -3.40
N THR A 109 2.03 -32.40 -2.15
CA THR A 109 3.16 -33.14 -1.61
C THR A 109 3.04 -33.17 -0.09
N THR A 110 3.93 -33.93 0.55
CA THR A 110 4.00 -33.96 2.00
C THR A 110 5.33 -33.41 2.47
N LEU A 111 5.31 -32.80 3.65
CA LEU A 111 6.50 -32.27 4.30
C LEU A 111 6.23 -32.19 5.78
N GLY A 112 7.11 -32.79 6.58
CA GLY A 112 6.98 -32.80 8.03
C GLY A 112 5.59 -33.12 8.57
N ASP A 113 5.03 -34.26 8.17
CA ASP A 113 3.75 -34.77 8.68
C ASP A 113 2.56 -33.91 8.26
N MET A 114 2.70 -33.13 7.19
CA MET A 114 1.62 -32.28 6.73
C MET A 114 1.55 -32.37 5.20
N ILE A 115 0.39 -32.01 4.66
CA ILE A 115 0.16 -31.99 3.22
C ILE A 115 0.17 -30.53 2.76
N TYR A 116 0.90 -30.26 1.70
CA TYR A 116 0.85 -28.96 1.04
C TYR A 116 0.17 -29.10 -0.32
N VAL A 117 -0.71 -28.16 -0.63
CA VAL A 117 -1.42 -28.14 -1.91
C VAL A 117 -1.41 -26.72 -2.44
N SER A 118 -0.95 -26.56 -3.68
CA SER A 118 -0.87 -25.24 -4.29
C SER A 118 -1.48 -25.24 -5.69
N GLY A 119 -1.93 -24.07 -6.10
CA GLY A 119 -2.38 -23.81 -7.44
C GLY A 119 -3.70 -24.50 -7.72
N GLY A 120 -3.93 -24.76 -8.98
CA GLY A 120 -5.14 -25.44 -9.41
C GLY A 120 -6.08 -24.48 -10.11
N PHE A 121 -7.28 -24.98 -10.37
CA PHE A 121 -8.31 -24.30 -11.15
C PHE A 121 -9.66 -24.60 -10.53
N ASP A 122 -10.43 -23.56 -10.18
CA ASP A 122 -11.75 -23.73 -9.56
C ASP A 122 -12.90 -23.58 -10.56
N GLY A 123 -12.63 -23.66 -11.85
CA GLY A 123 -13.66 -23.43 -12.85
C GLY A 123 -13.78 -21.99 -13.29
N SER A 124 -13.17 -21.05 -12.55
CA SER A 124 -13.18 -19.65 -12.93
C SER A 124 -11.77 -19.06 -12.93
N ARG A 125 -10.98 -19.33 -11.88
CA ARG A 125 -9.64 -18.76 -11.75
C ARG A 125 -8.61 -19.86 -11.49
N ARG A 126 -7.41 -19.69 -12.07
CA ARG A 126 -6.24 -20.44 -11.63
C ARG A 126 -5.62 -19.76 -10.40
N HIS A 127 -5.19 -20.58 -9.46
CA HIS A 127 -4.81 -20.09 -8.15
C HIS A 127 -3.30 -19.88 -8.03
N THR A 128 -2.92 -18.83 -7.31
CA THR A 128 -1.58 -18.71 -6.77
C THR A 128 -1.47 -19.34 -5.39
N SER A 129 -2.60 -19.66 -4.78
CA SER A 129 -2.62 -19.95 -3.35
C SER A 129 -2.14 -21.36 -3.05
N MET A 130 -1.57 -21.50 -1.85
CA MET A 130 -1.15 -22.76 -1.28
C MET A 130 -1.76 -22.89 0.11
N GLU A 131 -2.15 -24.11 0.48
CA GLU A 131 -2.66 -24.36 1.82
C GLU A 131 -2.09 -25.68 2.32
N ARG A 132 -2.22 -25.90 3.63
CA ARG A 132 -1.49 -26.92 4.35
C ARG A 132 -2.43 -27.66 5.28
N TYR A 133 -2.29 -28.98 5.34
CA TYR A 133 -3.18 -29.84 6.11
C TYR A 133 -2.44 -30.47 7.27
N ASP A 134 -2.99 -30.33 8.47
CA ASP A 134 -2.43 -30.94 9.67
C ASP A 134 -3.32 -32.10 10.06
N PRO A 135 -2.89 -33.36 9.89
CA PRO A 135 -3.74 -34.47 10.31
C PRO A 135 -3.99 -34.49 11.80
N ASN A 136 -3.09 -33.91 12.60
CA ASN A 136 -3.26 -33.94 14.05
C ASN A 136 -4.50 -33.16 14.51
N ILE A 137 -4.93 -32.17 13.73
CA ILE A 137 -6.09 -31.35 14.08
C ILE A 137 -7.13 -31.30 12.98
N ASP A 138 -6.91 -31.98 11.85
CA ASP A 138 -7.87 -32.05 10.75
C ASP A 138 -8.29 -30.65 10.28
N GLN A 139 -7.30 -29.86 9.88
CA GLN A 139 -7.57 -28.50 9.42
C GLN A 139 -6.63 -28.12 8.31
N TRP A 140 -7.13 -27.31 7.37
CA TRP A 140 -6.32 -26.73 6.31
C TRP A 140 -6.06 -25.26 6.61
N SER A 141 -4.82 -24.83 6.49
CA SER A 141 -4.41 -23.46 6.75
C SER A 141 -3.84 -22.85 5.47
N MET A 142 -4.25 -21.62 5.14
CA MET A 142 -3.71 -20.95 3.97
C MET A 142 -2.32 -20.40 4.27
N LEU A 143 -1.42 -20.55 3.29
CA LEU A 143 -0.05 -20.07 3.38
C LEU A 143 0.21 -18.98 2.33
N GLY A 144 1.48 -18.70 2.07
CA GLY A 144 1.82 -17.65 1.11
C GLY A 144 1.51 -18.05 -0.33
N ASP A 145 1.03 -17.07 -1.10
CA ASP A 145 0.77 -17.25 -2.53
C ASP A 145 2.06 -17.33 -3.34
N MET A 146 2.02 -18.14 -4.39
CA MET A 146 3.08 -18.12 -5.38
C MET A 146 3.03 -16.81 -6.16
N GLN A 147 4.05 -16.59 -6.98
CA GLN A 147 4.05 -15.39 -7.81
C GLN A 147 3.18 -15.55 -9.04
N THR A 148 3.08 -16.76 -9.59
CA THR A 148 2.29 -17.03 -10.78
C THR A 148 1.21 -18.04 -10.46
N ALA A 149 -0.01 -17.77 -10.95
CA ALA A 149 -1.09 -18.75 -10.82
C ALA A 149 -0.82 -19.94 -11.74
N ARG A 150 -1.06 -21.14 -11.22
CA ARG A 150 -0.66 -22.35 -11.93
C ARG A 150 -1.70 -23.44 -11.76
N GLU A 151 -2.23 -23.94 -12.87
CA GLU A 151 -2.83 -25.27 -12.92
C GLU A 151 -1.88 -26.18 -13.69
N GLY A 152 -1.92 -27.48 -13.39
CA GLY A 152 -1.07 -28.41 -14.10
C GLY A 152 0.39 -28.38 -13.70
N ALA A 153 0.70 -27.90 -12.49
CA ALA A 153 2.06 -27.84 -11.97
C ALA A 153 2.17 -28.75 -10.76
N GLY A 154 3.16 -29.63 -10.76
CA GLY A 154 3.35 -30.50 -9.61
C GLY A 154 4.15 -29.82 -8.49
N LEU A 155 4.08 -30.42 -7.31
CA LEU A 155 4.87 -30.02 -6.17
C LEU A 155 5.89 -31.11 -5.86
N VAL A 156 7.10 -30.72 -5.48
CA VAL A 156 8.12 -31.68 -5.11
C VAL A 156 8.94 -31.10 -3.98
N VAL A 157 9.20 -31.92 -2.97
CA VAL A 157 9.99 -31.55 -1.81
C VAL A 157 11.39 -32.10 -1.97
N ALA A 158 12.39 -31.26 -1.72
CA ALA A 158 13.77 -31.69 -1.63
C ALA A 158 14.46 -30.96 -0.47
N SER A 159 14.90 -31.72 0.53
CA SER A 159 15.68 -31.18 1.65
C SER A 159 14.96 -30.05 2.37
N GLY A 160 13.66 -30.23 2.62
CA GLY A 160 12.90 -29.30 3.43
C GLY A 160 12.24 -28.16 2.69
N VAL A 161 12.38 -28.12 1.37
CA VAL A 161 11.92 -27.02 0.55
C VAL A 161 11.01 -27.57 -0.55
N ILE A 162 9.99 -26.78 -0.94
CA ILE A 162 8.99 -27.21 -1.92
C ILE A 162 9.21 -26.48 -3.24
N TYR A 163 9.18 -27.23 -4.35
CA TYR A 163 9.29 -26.67 -5.68
C TYR A 163 7.97 -26.86 -6.43
N CYS A 164 7.56 -25.83 -7.15
CA CYS A 164 6.37 -25.86 -8.00
C CYS A 164 6.83 -25.52 -9.41
N LEU A 165 6.51 -26.40 -10.38
CA LEU A 165 7.20 -26.40 -11.66
C LEU A 165 6.21 -26.26 -12.81
N GLY A 166 6.39 -25.22 -13.61
CA GLY A 166 5.64 -25.05 -14.83
C GLY A 166 4.15 -24.86 -14.60
N GLY A 167 3.37 -25.49 -15.49
CA GLY A 167 1.92 -25.42 -15.44
C GLY A 167 1.34 -24.48 -16.48
N TYR A 168 0.21 -23.85 -16.13
CA TYR A 168 -0.56 -23.02 -17.04
C TYR A 168 -1.26 -21.96 -16.22
N ASP A 169 -1.15 -20.70 -16.64
CA ASP A 169 -1.71 -19.61 -15.86
C ASP A 169 -3.03 -19.08 -16.43
N GLY A 170 -3.58 -19.75 -17.44
CA GLY A 170 -4.77 -19.27 -18.11
C GLY A 170 -4.51 -18.61 -19.44
N LEU A 171 -3.26 -18.31 -19.76
CA LEU A 171 -2.90 -17.61 -20.99
C LEU A 171 -1.69 -18.28 -21.66
N ASN A 172 -0.78 -18.84 -20.86
CA ASN A 172 0.46 -19.42 -21.37
C ASN A 172 0.82 -20.66 -20.56
N ILE A 173 1.31 -21.67 -21.28
CA ILE A 173 2.06 -22.74 -20.65
C ILE A 173 3.33 -22.13 -20.06
N LEU A 174 3.78 -22.68 -18.93
CA LEU A 174 4.86 -22.07 -18.16
C LEU A 174 6.08 -22.98 -18.09
N ASN A 175 7.25 -22.37 -18.10
CA ASN A 175 8.51 -23.06 -17.82
C ASN A 175 9.17 -22.57 -16.54
N SER A 176 8.58 -21.60 -15.86
CA SER A 176 9.11 -21.08 -14.63
C SER A 176 8.95 -22.07 -13.48
N VAL A 177 9.82 -21.92 -12.48
CA VAL A 177 9.87 -22.79 -11.32
C VAL A 177 9.99 -21.92 -10.08
N GLU A 178 9.12 -22.15 -9.09
CA GLU A 178 9.14 -21.40 -7.85
C GLU A 178 9.51 -22.30 -6.69
N LYS A 179 10.10 -21.70 -5.66
CA LYS A 179 10.62 -22.41 -4.51
C LYS A 179 10.02 -21.79 -3.25
N TYR A 180 9.44 -22.61 -2.40
CA TYR A 180 8.86 -22.15 -1.15
C TYR A 180 9.75 -22.59 0.00
N ASP A 181 10.21 -21.62 0.78
CA ASP A 181 11.09 -21.86 1.92
C ASP A 181 10.24 -21.76 3.17
N PRO A 182 9.93 -22.88 3.85
CA PRO A 182 9.16 -22.78 5.10
C PRO A 182 9.80 -21.87 6.14
N HIS A 183 11.11 -21.62 6.05
CA HIS A 183 11.73 -20.77 7.07
C HIS A 183 11.46 -19.29 6.80
N THR A 184 11.28 -18.90 5.54
CA THR A 184 10.88 -17.53 5.26
C THR A 184 9.38 -17.39 5.06
N GLY A 185 8.68 -18.49 4.76
CA GLY A 185 7.30 -18.40 4.33
C GLY A 185 7.09 -17.75 2.98
N HIS A 186 8.14 -17.60 2.18
CA HIS A 186 8.07 -16.90 0.91
C HIS A 186 8.44 -17.80 -0.25
N TRP A 187 7.94 -17.41 -1.42
CA TRP A 187 8.30 -18.01 -2.69
C TRP A 187 9.36 -17.16 -3.38
N THR A 188 10.33 -17.84 -3.99
CA THR A 188 11.33 -17.20 -4.84
C THR A 188 11.43 -18.03 -6.11
N ASN A 189 12.19 -17.52 -7.08
CA ASN A 189 12.31 -18.19 -8.37
C ASN A 189 13.65 -18.90 -8.47
N VAL A 190 13.67 -20.00 -9.20
CA VAL A 190 14.92 -20.65 -9.58
C VAL A 190 14.95 -20.75 -11.10
N THR A 191 16.09 -21.21 -11.62
CA THR A 191 16.27 -21.31 -13.06
C THR A 191 15.12 -22.10 -13.69
N PRO A 192 14.52 -21.60 -14.77
CA PRO A 192 13.38 -22.30 -15.38
C PRO A 192 13.79 -23.53 -16.19
N MET A 193 12.80 -24.39 -16.41
CA MET A 193 12.96 -25.51 -17.33
C MET A 193 13.26 -25.01 -18.74
N ALA A 194 13.84 -25.90 -19.56
CA ALA A 194 14.07 -25.55 -20.96
C ALA A 194 12.78 -25.53 -21.77
N THR A 195 11.81 -26.37 -21.39
CA THR A 195 10.55 -26.51 -22.12
C THR A 195 9.38 -26.08 -21.26
N LYS A 196 8.47 -25.30 -21.84
CA LYS A 196 7.19 -25.04 -21.20
C LYS A 196 6.40 -26.34 -21.07
N ARG A 197 5.94 -26.65 -19.86
CA ARG A 197 5.22 -27.91 -19.63
C ARG A 197 4.03 -27.70 -18.71
N SER A 198 2.88 -28.22 -19.15
CA SER A 198 1.72 -28.39 -18.29
C SER A 198 1.30 -29.86 -18.31
N GLY A 199 0.85 -30.36 -17.16
CA GLY A 199 0.46 -31.75 -17.07
C GLY A 199 1.61 -32.73 -17.07
N ALA A 200 2.82 -32.28 -16.74
CA ALA A 200 3.96 -33.18 -16.66
C ALA A 200 3.97 -33.86 -15.29
N GLY A 201 4.57 -35.04 -15.23
CA GLY A 201 4.81 -35.68 -13.94
C GLY A 201 6.14 -35.23 -13.35
N VAL A 202 6.19 -35.14 -12.02
CA VAL A 202 7.37 -34.60 -11.33
C VAL A 202 7.69 -35.49 -10.12
N ALA A 203 8.98 -35.76 -9.93
CA ALA A 203 9.44 -36.55 -8.79
C ALA A 203 10.93 -36.28 -8.56
N LEU A 204 11.35 -36.54 -7.33
CA LEU A 204 12.75 -36.41 -6.96
C LEU A 204 13.41 -37.77 -7.06
N LEU A 205 14.53 -37.83 -7.79
CA LEU A 205 15.31 -39.06 -7.96
C LEU A 205 16.79 -38.74 -7.77
N ASN A 206 17.39 -39.27 -6.72
CA ASN A 206 18.80 -39.03 -6.38
C ASN A 206 19.14 -37.53 -6.41
N ASP A 207 18.38 -36.76 -5.65
CA ASP A 207 18.59 -35.32 -5.47
C ASP A 207 18.45 -34.52 -6.77
N HIS A 208 17.90 -35.11 -7.82
CA HIS A 208 17.52 -34.39 -9.03
C HIS A 208 16.00 -34.41 -9.14
N ILE A 209 15.42 -33.30 -9.61
CA ILE A 209 13.99 -33.23 -9.88
C ILE A 209 13.77 -33.55 -11.34
N TYR A 210 13.06 -34.65 -11.59
CA TYR A 210 12.73 -35.07 -12.94
C TYR A 210 11.35 -34.54 -13.31
N VAL A 211 11.23 -33.99 -14.52
CA VAL A 211 9.97 -33.55 -15.10
C VAL A 211 9.76 -34.33 -16.39
N VAL A 212 8.69 -35.12 -16.45
CA VAL A 212 8.47 -36.03 -17.58
C VAL A 212 7.22 -35.59 -18.35
N GLY A 213 7.39 -35.37 -19.66
CA GLY A 213 6.24 -35.24 -20.55
C GLY A 213 5.53 -33.91 -20.40
N GLY A 214 4.21 -33.97 -20.36
CA GLY A 214 3.41 -32.77 -20.33
C GLY A 214 3.00 -32.28 -21.72
N PHE A 215 2.66 -30.99 -21.78
CA PHE A 215 2.14 -30.35 -22.97
C PHE A 215 2.75 -28.95 -23.05
N ASP A 216 3.29 -28.58 -24.21
CA ASP A 216 4.05 -27.34 -24.32
C ASP A 216 3.27 -26.22 -24.99
N GLY A 217 1.98 -26.43 -25.28
CA GLY A 217 1.16 -25.49 -26.01
C GLY A 217 0.83 -25.95 -27.41
N THR A 218 1.75 -26.69 -28.05
CA THR A 218 1.56 -27.25 -29.38
C THR A 218 1.57 -28.77 -29.40
N ALA A 219 2.53 -29.39 -28.71
CA ALA A 219 2.74 -30.82 -28.80
C ALA A 219 2.60 -31.47 -27.43
N HIS A 220 2.08 -32.71 -27.43
CA HIS A 220 2.20 -33.59 -26.27
C HIS A 220 3.59 -34.19 -26.25
N LEU A 221 4.26 -34.11 -25.10
CA LEU A 221 5.69 -34.33 -25.00
C LEU A 221 6.03 -35.74 -24.50
N SER A 222 7.04 -36.33 -25.11
CA SER A 222 7.75 -37.48 -24.54
C SER A 222 9.09 -37.08 -23.92
N SER A 223 9.52 -35.82 -24.12
CA SER A 223 10.79 -35.34 -23.60
C SER A 223 10.80 -35.34 -22.07
N VAL A 224 12.02 -35.33 -21.52
CA VAL A 224 12.25 -35.34 -20.07
C VAL A 224 13.42 -34.40 -19.76
N GLU A 225 13.26 -33.60 -18.70
CA GLU A 225 14.35 -32.80 -18.15
C GLU A 225 14.57 -33.16 -16.69
N ALA A 226 15.80 -32.96 -16.22
CA ALA A 226 16.15 -33.14 -14.81
C ALA A 226 16.88 -31.91 -14.29
N TYR A 227 16.53 -31.53 -13.06
CA TYR A 227 17.07 -30.36 -12.41
C TYR A 227 18.09 -30.77 -11.36
N ASN A 228 19.33 -30.30 -11.50
CA ASN A 228 20.35 -30.48 -10.48
C ASN A 228 20.24 -29.33 -9.48
N ILE A 229 19.80 -29.65 -8.26
CA ILE A 229 19.52 -28.62 -7.26
C ILE A 229 20.81 -27.94 -6.79
N ARG A 230 21.88 -28.72 -6.63
CA ARG A 230 23.13 -28.11 -6.16
C ARG A 230 23.62 -27.05 -7.14
N THR A 231 23.51 -27.32 -8.45
CA THR A 231 24.05 -26.42 -9.45
C THR A 231 23.01 -25.53 -10.10
N ASP A 232 21.73 -25.66 -9.72
CA ASP A 232 20.65 -24.84 -10.26
C ASP A 232 20.58 -24.91 -11.78
N SER A 233 20.74 -26.11 -12.34
CA SER A 233 20.78 -26.25 -13.79
C SER A 233 19.91 -27.41 -14.25
N TRP A 234 19.32 -27.24 -15.43
CA TRP A 234 18.54 -28.26 -16.10
C TRP A 234 19.35 -28.90 -17.20
N THR A 235 19.15 -30.21 -17.39
CA THR A 235 19.77 -30.98 -18.46
C THR A 235 18.72 -31.91 -19.06
N THR A 236 18.89 -32.22 -20.35
CA THR A 236 17.96 -33.10 -21.04
C THR A 236 18.24 -34.55 -20.65
N VAL A 237 17.16 -35.32 -20.57
CA VAL A 237 17.21 -36.74 -20.25
C VAL A 237 16.61 -37.48 -21.44
N THR A 238 16.94 -38.77 -21.55
CA THR A 238 16.36 -39.61 -22.60
C THR A 238 14.83 -39.55 -22.55
N SER A 239 14.21 -39.35 -23.72
CA SER A 239 12.76 -39.25 -23.84
C SER A 239 12.07 -40.57 -23.51
N MET A 240 10.81 -40.47 -23.10
CA MET A 240 10.01 -41.64 -22.81
C MET A 240 9.68 -42.40 -24.10
N THR A 241 9.11 -43.59 -23.93
CA THR A 241 8.72 -44.41 -25.09
C THR A 241 7.58 -43.79 -25.88
N THR A 242 6.81 -42.89 -25.27
CA THR A 242 5.63 -42.31 -25.90
C THR A 242 5.38 -40.96 -25.25
N PRO A 243 4.75 -40.03 -25.95
CA PRO A 243 4.28 -38.80 -25.29
C PRO A 243 3.25 -39.15 -24.22
N ARG A 244 3.25 -38.37 -23.14
CA ARG A 244 2.32 -38.58 -22.03
C ARG A 244 2.04 -37.22 -21.40
N CYS A 245 0.79 -36.79 -21.41
CA CYS A 245 0.37 -35.59 -20.72
CA CYS A 245 0.39 -35.60 -20.70
C CYS A 245 -0.65 -35.96 -19.64
N TYR A 246 -0.75 -35.10 -18.63
CA TYR A 246 -1.54 -35.41 -17.43
C TYR A 246 -1.16 -36.78 -16.88
N VAL A 247 0.16 -36.99 -16.79
CA VAL A 247 0.75 -38.25 -16.38
C VAL A 247 1.32 -38.08 -14.96
N GLY A 248 1.22 -39.13 -14.16
CA GLY A 248 1.82 -39.12 -12.85
C GLY A 248 3.24 -39.68 -12.88
N ALA A 249 4.05 -39.24 -11.91
CA ALA A 249 5.40 -39.75 -11.75
C ALA A 249 5.67 -40.00 -10.27
N THR A 250 6.34 -41.12 -9.99
CA THR A 250 6.78 -41.46 -8.65
C THR A 250 8.08 -42.25 -8.77
N VAL A 251 8.85 -42.22 -7.69
CA VAL A 251 10.12 -42.95 -7.59
C VAL A 251 9.91 -44.16 -6.67
N LEU A 252 10.36 -45.34 -7.12
CA LEU A 252 10.41 -46.54 -6.30
C LEU A 252 11.79 -47.18 -6.45
N ARG A 253 12.39 -47.54 -5.31
CA ARG A 253 13.65 -48.29 -5.27
C ARG A 253 14.68 -47.69 -6.24
N GLY A 254 14.78 -46.37 -6.24
CA GLY A 254 15.77 -45.73 -7.07
C GLY A 254 15.46 -45.73 -8.56
N ARG A 255 14.20 -45.87 -8.94
CA ARG A 255 13.81 -45.78 -10.34
C ARG A 255 12.56 -44.91 -10.46
N LEU A 256 12.46 -44.25 -11.60
CA LEU A 256 11.42 -43.28 -11.89
C LEU A 256 10.36 -43.93 -12.76
N TYR A 257 9.09 -43.79 -12.36
CA TYR A 257 7.98 -44.39 -13.11
C TYR A 257 7.06 -43.32 -13.68
N ALA A 258 6.68 -43.48 -14.94
CA ALA A 258 5.70 -42.59 -15.57
C ALA A 258 4.43 -43.38 -15.81
N ILE A 259 3.31 -42.90 -15.28
CA ILE A 259 2.11 -43.72 -15.11
C ILE A 259 0.96 -43.15 -15.94
N ALA A 260 0.48 -43.97 -16.88
CA ALA A 260 -0.75 -43.73 -17.66
C ALA A 260 -0.59 -42.40 -18.39
N GLY A 261 -1.63 -41.59 -18.47
CA GLY A 261 -1.56 -40.34 -19.20
C GLY A 261 -2.27 -40.41 -20.52
N TYR A 262 -2.01 -39.38 -21.33
CA TYR A 262 -2.65 -39.18 -22.63
C TYR A 262 -1.56 -38.88 -23.63
N ASP A 263 -1.47 -39.70 -24.69
CA ASP A 263 -0.38 -39.53 -25.66
C ASP A 263 -0.72 -38.56 -26.78
N GLY A 264 -1.80 -37.79 -26.64
CA GLY A 264 -2.27 -36.89 -27.67
C GLY A 264 -3.31 -37.50 -28.59
N ASN A 265 -3.37 -38.82 -28.64
CA ASN A 265 -4.34 -39.57 -29.42
C ASN A 265 -5.29 -40.36 -28.54
N SER A 266 -4.75 -41.19 -27.64
CA SER A 266 -5.57 -42.06 -26.80
C SER A 266 -5.07 -42.03 -25.37
N LEU A 267 -5.91 -42.55 -24.47
CA LEU A 267 -5.51 -42.79 -23.09
C LEU A 267 -4.59 -44.01 -23.01
N LEU A 268 -3.66 -43.94 -22.07
CA LEU A 268 -2.65 -44.98 -21.90
C LEU A 268 -2.94 -45.83 -20.67
N SER A 269 -2.56 -47.09 -20.77
CA SER A 269 -2.70 -48.04 -19.67
C SER A 269 -1.36 -48.51 -19.14
N SER A 270 -0.26 -48.09 -19.76
CA SER A 270 1.06 -48.59 -19.43
C SER A 270 1.77 -47.71 -18.40
N ILE A 271 2.77 -48.31 -17.76
CA ILE A 271 3.73 -47.60 -16.93
C ILE A 271 5.10 -47.88 -17.50
N GLU A 272 5.90 -46.84 -17.69
CA GLU A 272 7.29 -47.06 -18.05
C GLU A 272 8.20 -46.58 -16.94
N CYS A 273 9.39 -47.17 -16.91
CA CYS A 273 10.31 -47.06 -15.80
C CYS A 273 11.66 -46.62 -16.34
N TYR A 274 12.16 -45.50 -15.82
CA TYR A 274 13.46 -44.96 -16.20
C TYR A 274 14.53 -45.46 -15.22
N ASP A 275 15.57 -46.11 -15.74
CA ASP A 275 16.65 -46.64 -14.93
C ASP A 275 17.93 -45.87 -15.21
N PRO A 276 18.45 -45.08 -14.27
CA PRO A 276 19.73 -44.38 -14.52
C PRO A 276 20.88 -45.30 -14.90
N ILE A 277 20.89 -46.56 -14.44
CA ILE A 277 22.01 -47.46 -14.78
C ILE A 277 22.12 -47.63 -16.29
N ILE A 278 20.99 -47.75 -16.98
CA ILE A 278 21.00 -47.86 -18.44
C ILE A 278 20.60 -46.57 -19.13
N ASP A 279 20.23 -45.54 -18.37
CA ASP A 279 19.87 -44.23 -18.94
C ASP A 279 18.77 -44.36 -20.02
N SER A 280 17.81 -45.25 -19.78
CA SER A 280 16.77 -45.48 -20.77
C SER A 280 15.45 -45.77 -20.09
N TRP A 281 14.38 -45.70 -20.89
CA TRP A 281 13.01 -45.98 -20.45
C TRP A 281 12.55 -47.33 -20.98
N GLU A 282 11.93 -48.12 -20.11
CA GLU A 282 11.36 -49.41 -20.45
C GLU A 282 9.90 -49.44 -20.02
N VAL A 283 9.06 -50.07 -20.83
CA VAL A 283 7.69 -50.33 -20.40
C VAL A 283 7.73 -51.51 -19.44
N VAL A 284 7.09 -51.36 -18.28
CA VAL A 284 7.09 -52.44 -17.29
C VAL A 284 5.74 -53.11 -17.12
N THR A 285 4.69 -52.55 -17.71
CA THR A 285 3.35 -53.11 -17.69
C THR A 285 2.52 -52.30 -18.66
N SER A 286 1.55 -52.95 -19.29
CA SER A 286 0.58 -52.26 -20.11
C SER A 286 -0.85 -52.60 -19.70
N MET A 287 -1.04 -53.07 -18.46
CA MET A 287 -2.31 -53.68 -18.06
C MET A 287 -3.07 -52.90 -16.99
N GLY A 288 -2.77 -51.62 -16.76
CA GLY A 288 -3.62 -50.82 -15.89
C GLY A 288 -4.88 -50.35 -16.61
N THR A 289 -5.80 -49.73 -15.86
CA THR A 289 -6.90 -49.05 -16.54
C THR A 289 -6.33 -47.86 -17.30
N GLN A 290 -6.91 -47.58 -18.48
CA GLN A 290 -6.52 -46.41 -19.24
C GLN A 290 -7.08 -45.16 -18.57
N ARG A 291 -6.21 -44.18 -18.33
CA ARG A 291 -6.68 -42.98 -17.67
C ARG A 291 -5.59 -41.93 -17.69
N CYS A 292 -6.01 -40.68 -17.47
CA CYS A 292 -5.10 -39.55 -17.31
C CYS A 292 -5.66 -38.64 -16.23
N ASP A 293 -4.84 -37.65 -15.85
CA ASP A 293 -5.00 -36.79 -14.68
C ASP A 293 -5.57 -37.52 -13.47
N ALA A 294 -5.05 -38.71 -13.20
CA ALA A 294 -5.27 -39.40 -11.96
C ALA A 294 -4.27 -38.90 -10.91
N GLY A 295 -4.49 -39.27 -9.65
CA GLY A 295 -3.54 -39.02 -8.59
C GLY A 295 -2.71 -40.26 -8.32
N VAL A 296 -1.43 -40.07 -7.97
CA VAL A 296 -0.50 -41.15 -7.73
C VAL A 296 0.26 -40.92 -6.44
N CYS A 297 0.64 -42.01 -5.78
CA CYS A 297 1.49 -41.94 -4.61
C CYS A 297 2.09 -43.32 -4.36
N VAL A 298 2.95 -43.39 -3.35
CA VAL A 298 3.67 -44.61 -3.01
C VAL A 298 3.14 -45.11 -1.66
N LEU A 299 2.98 -46.42 -1.54
CA LEU A 299 2.54 -47.05 -0.29
C LEU A 299 3.65 -47.94 0.24
N ARG A 300 3.92 -47.84 1.54
CA ARG A 300 4.91 -48.66 2.21
C ARG A 300 4.33 -49.97 2.72
N GLU A 301 3.33 -50.52 2.02
CA GLU A 301 2.63 -51.75 2.40
C GLU A 301 2.28 -51.80 3.89
N ALA B 13 21.24 28.08 -15.40
CA ALA B 13 20.33 28.52 -14.35
C ALA B 13 18.95 27.86 -14.49
N ASN B 14 18.42 27.88 -15.71
CA ASN B 14 17.08 27.36 -16.00
C ASN B 14 17.23 25.91 -16.45
N GLU B 15 17.16 25.00 -15.48
CA GLU B 15 17.23 23.58 -15.75
C GLU B 15 15.87 23.04 -16.17
N VAL B 16 15.87 22.17 -17.17
CA VAL B 16 14.63 21.52 -17.57
C VAL B 16 14.83 20.01 -17.61
N LEU B 17 13.72 19.29 -17.46
CA LEU B 17 13.70 17.84 -17.53
C LEU B 17 13.64 17.39 -18.96
N LEU B 18 14.43 16.38 -19.30
CA LEU B 18 14.38 15.74 -20.60
C LEU B 18 13.91 14.31 -20.40
N VAL B 19 12.98 13.88 -21.27
CA VAL B 19 12.37 12.55 -21.18
C VAL B 19 12.38 11.92 -22.58
N VAL B 20 13.01 10.75 -22.72
CA VAL B 20 13.32 10.16 -24.02
C VAL B 20 12.88 8.70 -24.06
N GLY B 21 12.23 8.32 -25.16
CA GLY B 21 11.95 6.91 -25.40
C GLY B 21 11.05 6.27 -24.35
N GLY B 22 11.29 5.00 -24.13
CA GLY B 22 10.48 4.22 -23.22
C GLY B 22 9.35 3.49 -23.93
N PHE B 23 8.50 2.85 -23.12
CA PHE B 23 7.41 2.01 -23.58
C PHE B 23 6.14 2.88 -23.61
N GLY B 24 5.48 2.94 -24.77
CA GLY B 24 4.35 3.82 -24.99
C GLY B 24 3.01 3.09 -24.98
N SER B 25 1.95 3.90 -25.11
CA SER B 25 0.61 3.37 -24.93
C SER B 25 0.20 2.45 -26.09
N GLN B 26 0.80 2.62 -27.27
CA GLN B 26 0.61 1.65 -28.35
C GLN B 26 1.25 0.30 -28.03
N GLN B 27 1.81 0.14 -26.83
CA GLN B 27 2.41 -1.10 -26.35
C GLN B 27 3.69 -1.47 -27.09
N SER B 28 4.49 -0.48 -27.49
CA SER B 28 5.77 -0.73 -28.13
C SER B 28 6.77 0.36 -27.72
N PRO B 29 8.06 0.18 -28.00
CA PRO B 29 9.02 1.26 -27.72
C PRO B 29 8.77 2.44 -28.64
N ILE B 30 9.12 3.64 -28.19
CA ILE B 30 8.84 4.87 -28.90
C ILE B 30 10.13 5.66 -29.09
N ASP B 31 10.06 6.69 -29.93
CA ASP B 31 11.17 7.62 -30.13
C ASP B 31 10.89 9.04 -29.58
N VAL B 32 9.80 9.23 -28.84
CA VAL B 32 9.41 10.58 -28.39
C VAL B 32 10.46 11.16 -27.46
N VAL B 33 10.89 12.39 -27.74
CA VAL B 33 11.73 13.19 -26.83
C VAL B 33 10.92 14.40 -26.36
N GLU B 34 10.80 14.56 -25.05
CA GLU B 34 10.04 15.68 -24.49
C GLU B 34 10.91 16.46 -23.53
N LYS B 35 10.66 17.76 -23.43
CA LYS B 35 11.23 18.50 -22.32
C LYS B 35 10.10 19.11 -21.53
N TYR B 36 10.32 19.20 -20.21
CA TYR B 36 9.33 19.75 -19.28
C TYR B 36 10.01 20.82 -18.44
N ASP B 37 9.50 22.04 -18.52
CA ASP B 37 10.05 23.17 -17.79
C ASP B 37 9.30 23.35 -16.48
N PRO B 38 9.87 22.98 -15.33
CA PRO B 38 9.11 23.00 -14.08
C PRO B 38 8.66 24.39 -13.66
N LYS B 39 9.38 25.42 -14.09
CA LYS B 39 9.02 26.81 -13.86
C LYS B 39 7.72 27.15 -14.55
N THR B 40 7.73 27.17 -15.89
CA THR B 40 6.53 27.50 -16.64
C THR B 40 5.51 26.37 -16.69
N GLN B 41 5.89 25.16 -16.27
CA GLN B 41 5.03 23.97 -16.37
C GLN B 41 4.66 23.62 -17.82
N GLU B 42 5.39 24.13 -18.81
CA GLU B 42 5.14 23.79 -20.20
C GLU B 42 5.93 22.55 -20.63
N TRP B 43 5.30 21.72 -21.46
CA TRP B 43 5.94 20.62 -22.16
C TRP B 43 6.19 21.01 -23.61
N SER B 44 7.25 20.44 -24.21
CA SER B 44 7.45 20.58 -25.64
C SER B 44 8.17 19.37 -26.24
N PHE B 45 7.86 19.06 -27.49
CA PHE B 45 8.53 17.97 -28.20
C PHE B 45 9.90 18.42 -28.70
N LEU B 46 10.88 17.54 -28.60
CA LEU B 46 12.14 17.76 -29.25
C LEU B 46 12.27 16.80 -30.44
N PRO B 47 13.28 16.98 -31.29
CA PRO B 47 13.47 16.02 -32.39
C PRO B 47 13.49 14.61 -31.84
N SER B 48 12.77 13.71 -32.51
CA SER B 48 12.74 12.33 -32.06
C SER B 48 14.10 11.67 -32.26
N ILE B 49 14.39 10.66 -31.43
CA ILE B 49 15.61 9.91 -31.62
C ILE B 49 15.48 9.02 -32.85
N THR B 50 16.62 8.55 -33.36
CA THR B 50 16.64 7.84 -34.63
C THR B 50 16.12 6.42 -34.51
N ARG B 51 16.28 5.79 -33.35
CA ARG B 51 15.72 4.47 -33.10
C ARG B 51 14.69 4.54 -31.98
N LYS B 52 13.64 3.75 -32.10
CA LYS B 52 12.72 3.57 -30.99
C LYS B 52 13.41 2.69 -29.94
N ARG B 53 13.49 3.20 -28.72
CA ARG B 53 14.20 2.51 -27.65
C ARG B 53 13.35 2.53 -26.38
N ARG B 54 13.00 1.36 -25.88
CA ARG B 54 12.50 1.26 -24.51
C ARG B 54 13.63 0.73 -23.64
N TYR B 55 13.38 0.62 -22.33
CA TYR B 55 14.37 0.13 -21.38
C TYR B 55 15.68 0.91 -21.49
N VAL B 56 15.58 2.19 -21.78
CA VAL B 56 16.71 2.99 -22.22
C VAL B 56 17.21 3.86 -21.08
N ALA B 57 18.48 4.24 -21.13
CA ALA B 57 19.05 5.18 -20.17
C ALA B 57 19.47 6.44 -20.89
N SER B 58 19.54 7.55 -20.14
CA SER B 58 19.93 8.83 -20.72
C SER B 58 20.73 9.61 -19.68
N VAL B 59 21.79 10.30 -20.11
CA VAL B 59 22.51 11.27 -19.27
C VAL B 59 22.83 12.49 -20.12
N SER B 60 23.16 13.57 -19.42
CA SER B 60 23.68 14.76 -20.08
C SER B 60 25.10 15.04 -19.59
N LEU B 61 25.91 15.57 -20.50
CA LEU B 61 27.34 15.76 -20.23
C LEU B 61 27.77 16.92 -21.11
N HIS B 62 27.99 18.08 -20.48
CA HIS B 62 28.45 19.30 -21.16
C HIS B 62 27.45 19.75 -22.23
N ASP B 63 26.18 19.83 -21.84
CA ASP B 63 25.06 20.29 -22.67
C ASP B 63 24.79 19.37 -23.87
N ARG B 64 25.37 18.17 -23.85
CA ARG B 64 25.12 17.14 -24.84
C ARG B 64 24.27 16.05 -24.21
N ILE B 65 23.21 15.62 -24.89
CA ILE B 65 22.37 14.53 -24.39
C ILE B 65 22.84 13.20 -24.97
N TYR B 66 22.97 12.19 -24.11
CA TYR B 66 23.28 10.82 -24.52
C TYR B 66 22.09 9.90 -24.25
N VAL B 67 21.70 9.13 -25.24
CA VAL B 67 20.65 8.12 -25.13
C VAL B 67 21.33 6.78 -25.39
N ILE B 68 21.20 5.85 -24.44
CA ILE B 68 22.17 4.77 -24.25
C ILE B 68 21.47 3.43 -24.23
N GLY B 69 21.69 2.62 -25.28
CA GLY B 69 21.23 1.24 -25.23
C GLY B 69 19.73 1.14 -25.33
N GLY B 70 19.17 0.21 -24.58
CA GLY B 70 17.74 0.00 -24.62
C GLY B 70 17.35 -1.22 -25.45
N TYR B 71 16.17 -1.18 -26.03
CA TYR B 71 15.52 -2.34 -26.62
C TYR B 71 14.52 -1.84 -27.64
N ASP B 72 14.67 -2.22 -28.91
CA ASP B 72 13.80 -1.69 -29.94
C ASP B 72 12.63 -2.61 -30.27
N GLY B 73 12.40 -3.62 -29.45
CA GLY B 73 11.34 -4.58 -29.72
C GLY B 73 11.80 -5.84 -30.41
N ARG B 74 13.03 -5.84 -30.94
CA ARG B 74 13.65 -7.02 -31.52
C ARG B 74 14.99 -7.34 -30.86
N SER B 75 15.87 -6.36 -30.70
CA SER B 75 17.18 -6.57 -30.12
C SER B 75 17.41 -5.59 -28.97
N ARG B 76 18.01 -6.09 -27.90
CA ARG B 76 18.70 -5.20 -26.98
C ARG B 76 19.83 -4.49 -27.71
N LEU B 77 20.07 -3.24 -27.33
CA LEU B 77 20.93 -2.35 -28.09
C LEU B 77 22.18 -1.96 -27.30
N SER B 78 23.28 -1.78 -28.03
CA SER B 78 24.48 -1.17 -27.49
C SER B 78 24.75 0.20 -28.08
N SER B 79 23.99 0.60 -29.10
CA SER B 79 24.23 1.88 -29.76
C SER B 79 23.90 3.07 -28.84
N VAL B 80 24.50 4.20 -29.16
CA VAL B 80 24.37 5.44 -28.39
C VAL B 80 24.15 6.57 -29.37
N GLU B 81 23.14 7.41 -29.14
CA GLU B 81 22.90 8.57 -29.98
C GLU B 81 23.04 9.82 -29.14
N CYS B 82 23.34 10.94 -29.80
CA CYS B 82 23.68 12.17 -29.12
CA CYS B 82 23.70 12.17 -29.13
C CYS B 82 22.97 13.36 -29.75
N LEU B 83 22.68 14.34 -28.90
CA LEU B 83 22.10 15.60 -29.35
C LEU B 83 22.82 16.74 -28.66
N ASP B 84 23.30 17.70 -29.44
CA ASP B 84 23.87 18.92 -28.89
C ASP B 84 22.74 19.94 -28.73
N TYR B 85 22.28 20.14 -27.50
CA TYR B 85 21.17 21.06 -27.23
C TYR B 85 21.68 22.48 -27.05
N GLY B 91 18.37 21.11 -33.62
CA GLY B 91 19.40 20.11 -33.37
C GLY B 91 19.04 18.73 -33.90
N VAL B 92 20.05 17.93 -34.26
CA VAL B 92 19.83 16.65 -34.92
C VAL B 92 20.58 15.54 -34.18
N TRP B 93 19.92 14.41 -34.00
CA TRP B 93 20.51 13.27 -33.32
C TRP B 93 21.59 12.63 -34.20
N TYR B 94 22.70 12.19 -33.58
CA TYR B 94 23.74 11.45 -34.30
C TYR B 94 24.28 10.32 -33.43
N SER B 95 24.77 9.26 -34.08
CA SER B 95 25.30 8.12 -33.36
CA SER B 95 25.30 8.12 -33.36
C SER B 95 26.76 8.35 -32.99
N VAL B 96 27.18 7.74 -31.88
CA VAL B 96 28.59 7.80 -31.49
C VAL B 96 29.06 6.36 -31.26
N ALA B 97 30.18 6.19 -30.56
CA ALA B 97 30.71 4.85 -30.35
C ALA B 97 29.73 4.03 -29.51
N PRO B 98 29.52 2.75 -29.85
CA PRO B 98 28.55 1.93 -29.14
C PRO B 98 29.17 1.26 -27.92
N MET B 99 28.30 0.87 -26.99
CA MET B 99 28.86 0.13 -25.88
C MET B 99 29.41 -1.22 -26.35
N ASN B 100 30.34 -1.77 -25.56
CA ASN B 100 30.89 -3.09 -25.84
C ASN B 100 29.84 -4.19 -25.75
N VAL B 101 28.79 -4.00 -24.97
CA VAL B 101 27.79 -5.03 -24.78
C VAL B 101 26.42 -4.38 -24.88
N ARG B 102 25.44 -5.15 -25.38
CA ARG B 102 24.06 -4.70 -25.45
C ARG B 102 23.43 -4.65 -24.06
N ARG B 103 22.70 -3.57 -23.78
CA ARG B 103 22.18 -3.36 -22.42
C ARG B 103 20.83 -2.65 -22.50
N GLY B 104 19.77 -3.35 -22.11
CA GLY B 104 18.52 -2.72 -21.74
C GLY B 104 18.40 -2.73 -20.22
N LEU B 105 17.69 -1.73 -19.68
CA LEU B 105 17.55 -1.57 -18.23
C LEU B 105 18.91 -1.57 -17.53
N ALA B 106 19.80 -0.73 -18.02
CA ALA B 106 21.08 -0.55 -17.36
C ALA B 106 21.03 0.72 -16.53
N GLY B 107 21.87 0.79 -15.49
CA GLY B 107 22.07 2.02 -14.77
C GLY B 107 23.14 2.86 -15.43
N ALA B 108 22.94 4.18 -15.43
CA ALA B 108 23.85 5.12 -16.06
C ALA B 108 24.03 6.34 -15.18
N THR B 109 25.26 6.87 -15.12
CA THR B 109 25.50 8.15 -14.46
C THR B 109 26.76 8.77 -15.06
N THR B 110 27.11 9.96 -14.60
CA THR B 110 28.32 10.64 -15.03
C THR B 110 29.23 10.92 -13.83
N LEU B 111 30.53 10.84 -14.09
CA LEU B 111 31.54 11.10 -13.07
C LEU B 111 32.81 11.52 -13.78
N GLY B 112 33.44 12.57 -13.26
CA GLY B 112 34.52 13.16 -14.05
C GLY B 112 33.89 13.69 -15.32
N ASP B 113 34.61 13.55 -16.43
CA ASP B 113 34.03 13.93 -17.71
C ASP B 113 33.60 12.71 -18.50
N MET B 114 33.11 11.67 -17.82
CA MET B 114 32.88 10.37 -18.42
C MET B 114 31.51 9.85 -18.04
N ILE B 115 31.00 8.92 -18.85
CA ILE B 115 29.74 8.22 -18.58
C ILE B 115 30.07 6.84 -18.07
N TYR B 116 29.40 6.42 -17.01
CA TYR B 116 29.48 5.06 -16.50
C TYR B 116 28.14 4.36 -16.70
N VAL B 117 28.19 3.12 -17.18
CA VAL B 117 26.99 2.32 -17.41
C VAL B 117 27.24 0.92 -16.88
N SER B 118 26.36 0.44 -16.00
CA SER B 118 26.55 -0.90 -15.43
C SER B 118 25.26 -1.70 -15.50
N GLY B 119 25.41 -3.02 -15.47
CA GLY B 119 24.31 -3.94 -15.36
C GLY B 119 23.54 -4.04 -16.66
N GLY B 120 22.27 -4.42 -16.56
CA GLY B 120 21.40 -4.50 -17.71
C GLY B 120 21.24 -5.92 -18.21
N PHE B 121 20.51 -6.04 -19.32
CA PHE B 121 20.11 -7.32 -19.87
C PHE B 121 20.38 -7.29 -21.37
N ASP B 122 20.97 -8.36 -21.91
CA ASP B 122 21.29 -8.41 -23.33
C ASP B 122 20.32 -9.28 -24.13
N GLY B 123 19.24 -9.74 -23.53
CA GLY B 123 18.34 -10.70 -24.15
C GLY B 123 18.56 -12.12 -23.71
N SER B 124 19.76 -12.43 -23.19
CA SER B 124 20.11 -13.76 -22.73
C SER B 124 20.61 -13.78 -21.29
N ARG B 125 21.47 -12.84 -20.94
CA ARG B 125 22.08 -12.79 -19.63
C ARG B 125 21.93 -11.40 -19.02
N ARG B 126 21.88 -11.35 -17.69
CA ARG B 126 22.04 -10.09 -16.97
C ARG B 126 23.50 -9.86 -16.67
N HIS B 127 23.93 -8.59 -16.74
CA HIS B 127 25.34 -8.24 -16.71
C HIS B 127 25.82 -7.88 -15.31
N THR B 128 27.04 -8.32 -14.98
CA THR B 128 27.77 -7.72 -13.86
C THR B 128 28.66 -6.58 -14.29
N SER B 129 28.93 -6.45 -15.58
CA SER B 129 30.00 -5.56 -16.02
C SER B 129 29.56 -4.11 -15.96
N MET B 130 30.53 -3.22 -15.77
CA MET B 130 30.37 -1.79 -15.95
C MET B 130 31.35 -1.32 -17.02
N GLU B 131 30.94 -0.33 -17.80
CA GLU B 131 31.87 0.25 -18.75
C GLU B 131 31.72 1.76 -18.73
N ARG B 132 32.71 2.42 -19.31
CA ARG B 132 32.85 3.85 -19.17
C ARG B 132 33.15 4.45 -20.53
N TYR B 133 32.51 5.58 -20.80
CA TYR B 133 32.65 6.31 -22.05
C TYR B 133 33.48 7.57 -21.86
N ASP B 134 34.52 7.71 -22.68
CA ASP B 134 35.31 8.95 -22.67
C ASP B 134 34.96 9.76 -23.92
N PRO B 135 34.25 10.89 -23.78
CA PRO B 135 33.92 11.69 -24.97
C PRO B 135 35.13 12.27 -25.69
N ASN B 136 36.29 12.39 -25.04
CA ASN B 136 37.42 12.99 -25.74
C ASN B 136 37.93 12.09 -26.85
N ILE B 137 37.85 10.77 -26.67
CA ILE B 137 38.33 9.82 -27.66
C ILE B 137 37.20 8.97 -28.24
N ASP B 138 35.97 9.14 -27.76
CA ASP B 138 34.79 8.45 -28.30
C ASP B 138 34.98 6.93 -28.24
N GLN B 139 35.18 6.44 -27.02
CA GLN B 139 35.54 5.05 -26.77
C GLN B 139 34.91 4.58 -25.49
N TRP B 140 34.39 3.35 -25.50
CA TRP B 140 33.89 2.70 -24.29
C TRP B 140 34.92 1.68 -23.82
N SER B 141 35.25 1.68 -22.52
CA SER B 141 36.18 0.70 -21.97
C SER B 141 35.52 -0.07 -20.83
N MET B 142 35.73 -1.38 -20.81
CA MET B 142 35.21 -2.21 -19.75
C MET B 142 36.00 -2.01 -18.46
N LEU B 143 35.30 -2.16 -17.32
CA LEU B 143 35.89 -2.06 -15.99
C LEU B 143 35.49 -3.27 -15.16
N GLY B 144 35.82 -3.28 -13.87
CA GLY B 144 35.60 -4.46 -13.06
C GLY B 144 34.13 -4.78 -12.89
N ASP B 145 33.83 -6.08 -12.85
CA ASP B 145 32.47 -6.57 -12.66
C ASP B 145 31.95 -6.28 -11.25
N MET B 146 30.66 -5.96 -11.16
CA MET B 146 29.97 -5.97 -9.88
C MET B 146 29.96 -7.38 -9.31
N GLN B 147 29.63 -7.47 -8.02
CA GLN B 147 29.47 -8.77 -7.38
C GLN B 147 28.20 -9.49 -7.87
N THR B 148 27.14 -8.75 -8.17
CA THR B 148 25.84 -9.33 -8.51
C THR B 148 25.36 -8.77 -9.84
N ALA B 149 24.95 -9.67 -10.75
CA ALA B 149 24.37 -9.24 -12.02
C ALA B 149 23.02 -8.58 -11.78
N ARG B 150 22.80 -7.43 -12.43
CA ARG B 150 21.61 -6.61 -12.15
C ARG B 150 21.08 -5.98 -13.43
N GLU B 151 19.81 -6.23 -13.74
CA GLU B 151 19.04 -5.34 -14.59
C GLU B 151 18.08 -4.55 -13.69
N GLY B 152 17.72 -3.36 -14.15
CA GLY B 152 16.78 -2.55 -13.39
C GLY B 152 17.33 -1.88 -12.16
N ALA B 153 18.64 -1.67 -12.08
CA ALA B 153 19.25 -1.02 -10.93
C ALA B 153 19.79 0.34 -11.35
N GLY B 154 19.60 1.34 -10.53
CA GLY B 154 20.12 2.65 -10.84
C GLY B 154 21.58 2.79 -10.46
N LEU B 155 22.24 3.77 -11.08
CA LEU B 155 23.58 4.20 -10.72
C LEU B 155 23.51 5.64 -10.24
N VAL B 156 24.24 5.95 -9.17
N VAL B 156 24.21 5.95 -9.15
CA VAL B 156 24.26 7.30 -8.62
CA VAL B 156 24.24 7.29 -8.59
C VAL B 156 25.64 7.57 -8.05
C VAL B 156 25.65 7.57 -8.06
N VAL B 157 26.12 8.79 -8.25
CA VAL B 157 27.42 9.23 -7.74
C VAL B 157 27.22 10.05 -6.48
N ALA B 158 28.05 9.79 -5.46
CA ALA B 158 28.09 10.64 -4.28
C ALA B 158 29.53 10.77 -3.83
N SER B 159 30.07 11.98 -3.93
CA SER B 159 31.41 12.30 -3.44
C SER B 159 32.45 11.37 -4.07
N GLY B 160 32.32 11.17 -5.38
CA GLY B 160 33.28 10.40 -6.16
C GLY B 160 33.15 8.90 -6.06
N VAL B 161 32.15 8.39 -5.35
CA VAL B 161 31.91 6.96 -5.22
C VAL B 161 30.61 6.64 -5.95
N ILE B 162 30.59 5.51 -6.66
CA ILE B 162 29.44 5.13 -7.47
C ILE B 162 28.66 4.05 -6.72
N TYR B 163 27.34 4.18 -6.69
CA TYR B 163 26.48 3.22 -6.00
C TYR B 163 25.52 2.59 -7.01
N CYS B 164 25.31 1.29 -6.92
CA CYS B 164 24.40 0.56 -7.81
C CYS B 164 23.46 -0.22 -6.91
N LEU B 165 22.15 -0.02 -7.10
CA LEU B 165 21.18 -0.30 -6.06
C LEU B 165 20.08 -1.20 -6.58
N GLY B 166 19.89 -2.35 -5.93
CA GLY B 166 18.73 -3.19 -6.21
C GLY B 166 18.79 -3.85 -7.57
N GLY B 167 17.63 -3.91 -8.20
CA GLY B 167 17.52 -4.50 -9.52
C GLY B 167 17.04 -5.93 -9.48
N TYR B 168 17.41 -6.66 -10.54
CA TYR B 168 16.86 -7.99 -10.80
C TYR B 168 17.96 -8.81 -11.44
N ASP B 169 18.26 -9.97 -10.86
CA ASP B 169 19.36 -10.79 -11.32
C ASP B 169 18.94 -11.82 -12.37
N GLY B 170 17.69 -11.81 -12.81
CA GLY B 170 17.19 -12.79 -13.74
C GLY B 170 16.24 -13.79 -13.11
N LEU B 171 16.35 -14.01 -11.83
CA LEU B 171 15.36 -14.80 -11.10
C LEU B 171 14.62 -14.01 -10.03
N ASN B 172 15.31 -13.12 -9.30
CA ASN B 172 14.70 -12.52 -8.12
C ASN B 172 15.04 -11.03 -8.02
N ILE B 173 14.08 -10.28 -7.45
CA ILE B 173 14.28 -8.86 -7.15
C ILE B 173 15.30 -8.71 -6.03
N LEU B 174 16.12 -7.68 -6.11
CA LEU B 174 17.23 -7.49 -5.17
C LEU B 174 17.00 -6.27 -4.28
N ASN B 175 17.46 -6.39 -3.03
CA ASN B 175 17.61 -5.25 -2.13
C ASN B 175 19.06 -4.89 -1.87
N SER B 176 20.02 -5.64 -2.41
CA SER B 176 21.41 -5.36 -2.11
C SER B 176 21.89 -4.12 -2.85
N VAL B 177 22.96 -3.55 -2.33
CA VAL B 177 23.54 -2.28 -2.79
C VAL B 177 25.05 -2.45 -2.78
N GLU B 178 25.70 -2.11 -3.89
CA GLU B 178 27.15 -2.19 -3.99
C GLU B 178 27.70 -0.80 -4.31
N LYS B 179 28.93 -0.54 -3.87
CA LYS B 179 29.58 0.72 -4.22
C LYS B 179 30.91 0.44 -4.89
N TYR B 180 31.27 1.34 -5.80
CA TYR B 180 32.50 1.24 -6.57
C TYR B 180 33.39 2.41 -6.20
N ASP B 181 34.54 2.11 -5.59
CA ASP B 181 35.53 3.12 -5.25
C ASP B 181 36.54 3.21 -6.39
N PRO B 182 36.53 4.27 -7.20
CA PRO B 182 37.48 4.34 -8.33
C PRO B 182 38.94 4.37 -7.89
N HIS B 183 39.25 4.68 -6.62
CA HIS B 183 40.65 4.64 -6.19
C HIS B 183 41.11 3.22 -5.93
N THR B 184 40.19 2.31 -5.62
CA THR B 184 40.49 0.89 -5.50
C THR B 184 40.10 0.09 -6.72
N GLY B 185 39.25 0.65 -7.59
CA GLY B 185 38.74 -0.11 -8.71
C GLY B 185 37.91 -1.32 -8.32
N HIS B 186 37.45 -1.38 -7.07
CA HIS B 186 36.74 -2.54 -6.56
C HIS B 186 35.32 -2.19 -6.13
N TRP B 187 34.44 -3.19 -6.24
CA TRP B 187 33.06 -3.14 -5.77
C TRP B 187 32.95 -3.79 -4.40
N THR B 188 32.19 -3.17 -3.49
CA THR B 188 31.91 -3.77 -2.20
C THR B 188 30.46 -3.50 -1.83
N ASN B 189 29.92 -4.34 -0.95
CA ASN B 189 28.53 -4.23 -0.53
C ASN B 189 28.38 -3.26 0.63
N VAL B 190 27.33 -2.44 0.58
CA VAL B 190 26.95 -1.66 1.75
C VAL B 190 25.61 -2.18 2.26
N THR B 191 25.07 -1.50 3.26
CA THR B 191 23.83 -1.96 3.90
C THR B 191 22.69 -2.01 2.88
N PRO B 192 21.94 -3.12 2.83
CA PRO B 192 20.90 -3.27 1.79
C PRO B 192 19.72 -2.36 2.03
N MET B 193 18.95 -2.14 0.98
CA MET B 193 17.70 -1.40 1.16
C MET B 193 16.74 -2.22 2.01
N ALA B 194 15.84 -1.50 2.71
CA ALA B 194 14.73 -2.15 3.40
C ALA B 194 13.89 -3.03 2.45
N THR B 195 13.64 -2.57 1.23
CA THR B 195 12.74 -3.23 0.30
C THR B 195 13.50 -3.69 -0.93
N LYS B 196 13.14 -4.87 -1.44
CA LYS B 196 13.65 -5.30 -2.75
C LYS B 196 12.98 -4.48 -3.84
N ARG B 197 13.79 -3.87 -4.71
CA ARG B 197 13.28 -2.95 -5.72
C ARG B 197 14.01 -3.17 -7.03
N SER B 198 13.24 -3.32 -8.11
CA SER B 198 13.76 -3.20 -9.45
C SER B 198 12.88 -2.19 -10.20
N GLY B 199 13.47 -1.49 -11.16
CA GLY B 199 12.74 -0.44 -11.85
C GLY B 199 12.42 0.79 -11.00
N ALA B 200 13.17 1.06 -9.94
CA ALA B 200 12.96 2.27 -9.16
C ALA B 200 13.79 3.41 -9.74
N GLY B 201 13.41 4.64 -9.41
CA GLY B 201 14.23 5.80 -9.72
C GLY B 201 15.22 6.06 -8.60
N VAL B 202 16.39 6.59 -8.95
CA VAL B 202 17.43 6.85 -7.95
C VAL B 202 18.05 8.21 -8.24
N ALA B 203 18.40 8.94 -7.19
CA ALA B 203 18.93 10.28 -7.33
C ALA B 203 19.51 10.73 -5.99
N LEU B 204 20.44 11.67 -6.06
CA LEU B 204 21.14 12.17 -4.89
C LEU B 204 20.55 13.53 -4.50
N LEU B 205 20.00 13.60 -3.28
CA LEU B 205 19.35 14.81 -2.79
C LEU B 205 19.86 15.09 -1.39
N ASN B 206 20.48 16.25 -1.20
CA ASN B 206 20.99 16.66 0.13
C ASN B 206 21.88 15.59 0.75
N ASP B 207 22.82 15.06 -0.05
CA ASP B 207 23.77 14.05 0.37
C ASP B 207 23.13 12.71 0.76
N HIS B 208 21.85 12.51 0.47
CA HIS B 208 21.21 11.21 0.63
C HIS B 208 20.86 10.64 -0.74
N ILE B 209 20.93 9.32 -0.87
CA ILE B 209 20.48 8.65 -2.09
C ILE B 209 19.04 8.24 -1.88
N TYR B 210 18.14 8.81 -2.69
CA TYR B 210 16.73 8.46 -2.64
C TYR B 210 16.45 7.42 -3.69
N VAL B 211 15.74 6.35 -3.30
CA VAL B 211 15.22 5.34 -4.21
C VAL B 211 13.70 5.43 -4.16
N VAL B 212 13.07 5.66 -5.31
CA VAL B 212 11.63 5.90 -5.33
C VAL B 212 10.94 4.78 -6.10
N GLY B 213 10.00 4.11 -5.42
CA GLY B 213 9.11 3.18 -6.10
C GLY B 213 9.80 1.91 -6.58
N GLY B 214 9.36 1.42 -7.73
CA GLY B 214 9.82 0.16 -8.28
C GLY B 214 8.82 -0.97 -8.09
N PHE B 215 9.33 -2.19 -8.22
CA PHE B 215 8.56 -3.41 -8.07
C PHE B 215 9.31 -4.35 -7.14
N ASP B 216 8.62 -4.88 -6.13
CA ASP B 216 9.27 -5.69 -5.10
C ASP B 216 9.12 -7.18 -5.32
N GLY B 217 8.57 -7.60 -6.46
CA GLY B 217 8.26 -8.98 -6.71
C GLY B 217 6.79 -9.30 -6.57
N THR B 218 6.09 -8.59 -5.68
CA THR B 218 4.66 -8.76 -5.46
C THR B 218 3.86 -7.53 -5.87
N ALA B 219 4.31 -6.36 -5.46
CA ALA B 219 3.56 -5.13 -5.62
C ALA B 219 4.36 -4.10 -6.38
N HIS B 220 3.65 -3.26 -7.13
CA HIS B 220 4.19 -2.01 -7.62
C HIS B 220 4.16 -0.98 -6.50
N LEU B 221 5.26 -0.26 -6.30
CA LEU B 221 5.56 0.46 -5.07
C LEU B 221 5.43 1.96 -5.25
N SER B 222 4.82 2.62 -4.26
CA SER B 222 4.91 4.06 -4.09
C SER B 222 5.84 4.43 -2.95
N SER B 223 6.29 3.46 -2.17
CA SER B 223 7.20 3.71 -1.07
C SER B 223 8.51 4.30 -1.57
N VAL B 224 9.20 4.98 -0.66
CA VAL B 224 10.44 5.69 -0.93
C VAL B 224 11.36 5.48 0.27
N GLU B 225 12.64 5.25 0.04
CA GLU B 225 13.60 5.21 1.14
C GLU B 225 14.88 5.92 0.74
N ALA B 226 15.58 6.43 1.75
CA ALA B 226 16.74 7.30 1.60
C ALA B 226 17.92 6.73 2.37
N TYR B 227 19.09 6.71 1.71
CA TYR B 227 20.34 6.22 2.29
C TYR B 227 21.18 7.37 2.81
N ASN B 228 21.50 7.34 4.11
CA ASN B 228 22.48 8.23 4.68
C ASN B 228 23.85 7.62 4.43
N ILE B 229 24.65 8.26 3.58
CA ILE B 229 25.96 7.70 3.22
C ILE B 229 26.90 7.72 4.43
N ARG B 230 26.85 8.79 5.23
CA ARG B 230 27.77 8.92 6.36
C ARG B 230 27.52 7.86 7.42
N THR B 231 26.27 7.43 7.61
CA THR B 231 25.94 6.44 8.63
C THR B 231 25.65 5.06 8.07
N ASP B 232 25.69 4.88 6.74
CA ASP B 232 25.46 3.57 6.10
C ASP B 232 24.12 2.96 6.53
N SER B 233 23.08 3.78 6.54
CA SER B 233 21.78 3.32 7.01
C SER B 233 20.65 3.91 6.16
N TRP B 234 19.56 3.15 6.07
CA TRP B 234 18.39 3.52 5.29
C TRP B 234 17.25 3.93 6.20
N THR B 235 16.46 4.93 5.77
CA THR B 235 15.21 5.27 6.44
C THR B 235 14.12 5.51 5.42
N THR B 236 12.92 5.02 5.72
CA THR B 236 11.81 5.14 4.79
C THR B 236 11.20 6.54 4.85
N VAL B 237 10.89 7.07 3.68
CA VAL B 237 10.39 8.43 3.50
C VAL B 237 8.91 8.33 3.13
N THR B 238 8.20 9.47 3.16
CA THR B 238 6.79 9.48 2.77
C THR B 238 6.64 8.98 1.33
N SER B 239 5.63 8.14 1.11
CA SER B 239 5.39 7.55 -0.20
C SER B 239 4.93 8.58 -1.22
N MET B 240 5.19 8.28 -2.49
CA MET B 240 4.70 9.05 -3.62
C MET B 240 3.18 9.01 -3.71
N THR B 241 2.60 9.88 -4.54
CA THR B 241 1.14 9.96 -4.68
C THR B 241 0.55 8.70 -5.29
N THR B 242 1.32 7.95 -6.08
CA THR B 242 0.87 6.75 -6.77
C THR B 242 2.05 5.80 -6.88
N PRO B 243 1.82 4.49 -6.90
CA PRO B 243 2.92 3.55 -7.22
C PRO B 243 3.51 3.87 -8.59
N ARG B 244 4.82 3.68 -8.72
CA ARG B 244 5.52 3.98 -9.96
C ARG B 244 6.66 3.00 -10.13
N CYS B 245 6.62 2.19 -11.18
CA CYS B 245 7.70 1.27 -11.53
CA CYS B 245 7.74 1.32 -11.50
C CYS B 245 8.25 1.65 -12.90
N TYR B 246 9.52 1.35 -13.12
CA TYR B 246 10.25 1.82 -14.30
C TYR B 246 10.11 3.33 -14.44
N VAL B 247 10.35 4.02 -13.33
CA VAL B 247 10.15 5.46 -13.19
C VAL B 247 11.50 6.16 -13.20
N GLY B 248 11.56 7.32 -13.84
CA GLY B 248 12.75 8.13 -13.78
C GLY B 248 12.77 8.97 -12.50
N ALA B 249 13.97 9.22 -12.00
CA ALA B 249 14.13 10.13 -10.87
C ALA B 249 15.30 11.05 -11.15
N THR B 250 15.14 12.32 -10.81
CA THR B 250 16.24 13.24 -10.99
C THR B 250 16.03 14.43 -10.06
N VAL B 251 17.12 15.12 -9.77
CA VAL B 251 17.08 16.32 -8.95
C VAL B 251 17.28 17.50 -9.86
N LEU B 252 16.34 18.45 -9.81
CA LEU B 252 16.40 19.64 -10.65
C LEU B 252 16.26 20.85 -9.74
N ARG B 253 17.23 21.77 -9.82
CA ARG B 253 17.24 22.99 -8.98
C ARG B 253 17.04 22.65 -7.51
N GLY B 254 17.60 21.51 -7.09
CA GLY B 254 17.51 21.10 -5.71
C GLY B 254 16.22 20.45 -5.28
N ARG B 255 15.37 20.04 -6.23
CA ARG B 255 14.16 19.32 -5.91
C ARG B 255 14.18 17.96 -6.59
N LEU B 256 13.72 16.93 -5.87
CA LEU B 256 13.63 15.57 -6.36
C LEU B 256 12.33 15.37 -7.12
N TYR B 257 12.44 14.85 -8.34
CA TYR B 257 11.30 14.60 -9.21
C TYR B 257 11.24 13.12 -9.57
N ALA B 258 10.02 12.58 -9.61
CA ALA B 258 9.76 11.22 -10.08
C ALA B 258 8.88 11.28 -11.32
N ILE B 259 9.30 10.62 -12.40
CA ILE B 259 8.84 10.93 -13.76
C ILE B 259 8.16 9.72 -14.39
N ALA B 260 6.90 9.90 -14.77
CA ALA B 260 6.15 8.94 -15.63
C ALA B 260 6.18 7.59 -14.91
N GLY B 261 6.32 6.47 -15.65
CA GLY B 261 6.29 5.16 -15.01
C GLY B 261 4.96 4.44 -15.20
N TYR B 262 4.83 3.30 -14.52
CA TYR B 262 3.72 2.38 -14.65
C TYR B 262 3.24 2.07 -13.25
N ASP B 263 1.94 2.25 -12.99
CA ASP B 263 1.45 2.08 -11.62
C ASP B 263 0.95 0.68 -11.34
N GLY B 264 1.14 -0.25 -12.27
CA GLY B 264 0.56 -1.57 -12.16
C GLY B 264 -0.73 -1.75 -12.93
N ASN B 265 -1.29 -0.66 -13.44
CA ASN B 265 -2.55 -0.71 -14.19
C ASN B 265 -2.39 0.04 -15.50
N SER B 266 -1.89 1.27 -15.45
CA SER B 266 -1.68 2.06 -16.65
C SER B 266 -0.30 2.70 -16.64
N LEU B 267 0.06 3.24 -17.80
CA LEU B 267 1.24 4.07 -17.98
C LEU B 267 0.93 5.51 -17.61
N LEU B 268 1.85 6.15 -16.90
CA LEU B 268 1.60 7.45 -16.30
C LEU B 268 2.14 8.57 -17.18
N SER B 269 1.43 9.68 -17.18
CA SER B 269 1.84 10.90 -17.86
C SER B 269 2.37 11.94 -16.88
N SER B 270 2.40 11.63 -15.60
CA SER B 270 2.59 12.65 -14.59
C SER B 270 4.02 12.66 -14.06
N ILE B 271 4.38 13.80 -13.50
CA ILE B 271 5.63 14.00 -12.78
C ILE B 271 5.23 14.56 -11.42
N GLU B 272 5.84 14.03 -10.37
CA GLU B 272 5.58 14.55 -9.04
C GLU B 272 6.89 14.96 -8.40
N CYS B 273 6.77 15.89 -7.45
CA CYS B 273 7.93 16.53 -6.84
C CYS B 273 7.90 16.29 -5.34
N TYR B 274 9.07 16.09 -4.74
CA TYR B 274 9.15 15.82 -3.30
C TYR B 274 9.59 17.08 -2.56
N ASP B 275 8.91 17.40 -1.48
CA ASP B 275 9.26 18.55 -0.65
C ASP B 275 9.78 18.02 0.66
N PRO B 276 11.09 18.15 0.95
CA PRO B 276 11.61 17.57 2.20
C PRO B 276 11.13 18.28 3.45
N ILE B 277 10.74 19.55 3.36
CA ILE B 277 10.23 20.26 4.53
C ILE B 277 8.86 19.76 4.91
N ILE B 278 7.92 19.77 3.96
CA ILE B 278 6.59 19.23 4.17
C ILE B 278 6.63 17.71 4.37
N ASP B 279 7.72 17.06 3.95
CA ASP B 279 7.81 15.60 3.83
C ASP B 279 6.59 15.03 3.11
N SER B 280 6.34 15.55 1.92
CA SER B 280 5.21 15.07 1.15
C SER B 280 5.50 15.27 -0.33
N TRP B 281 4.88 14.42 -1.15
CA TRP B 281 4.96 14.49 -2.61
C TRP B 281 3.71 15.12 -3.19
N GLU B 282 3.88 15.90 -4.25
CA GLU B 282 2.74 16.36 -5.02
C GLU B 282 3.01 16.24 -6.51
N VAL B 283 1.96 15.97 -7.28
CA VAL B 283 2.05 16.01 -8.73
C VAL B 283 2.21 17.46 -9.18
N VAL B 284 3.13 17.69 -10.12
CA VAL B 284 3.34 19.03 -10.66
C VAL B 284 2.87 19.15 -12.11
N THR B 285 2.69 18.05 -12.82
CA THR B 285 2.09 18.03 -14.15
C THR B 285 1.59 16.64 -14.45
N SER B 286 0.52 16.57 -15.27
CA SER B 286 -0.06 15.33 -15.78
C SER B 286 -0.05 15.27 -17.31
N MET B 287 0.64 16.20 -17.98
CA MET B 287 0.52 16.36 -19.43
CA MET B 287 0.54 16.39 -19.42
C MET B 287 1.71 15.79 -20.22
N GLY B 288 2.52 14.91 -19.61
CA GLY B 288 3.58 14.27 -20.40
C GLY B 288 3.02 13.13 -21.27
N THR B 289 3.88 12.59 -22.15
CA THR B 289 3.51 11.35 -22.83
C THR B 289 3.44 10.22 -21.80
N GLN B 290 2.39 9.39 -21.89
CA GLN B 290 2.33 8.23 -21.00
C GLN B 290 3.38 7.21 -21.41
N ARG B 291 4.20 6.77 -20.44
CA ARG B 291 5.29 5.84 -20.79
C ARG B 291 5.99 5.37 -19.53
N CYS B 292 6.78 4.29 -19.66
CA CYS B 292 7.66 3.81 -18.61
C CYS B 292 8.99 3.36 -19.23
N ASP B 293 9.94 3.00 -18.34
CA ASP B 293 11.35 2.79 -18.66
C ASP B 293 11.88 3.74 -19.74
N ALA B 294 11.51 5.02 -19.65
CA ALA B 294 12.15 6.05 -20.46
C ALA B 294 13.44 6.50 -19.79
N GLY B 295 14.22 7.29 -20.52
CA GLY B 295 15.44 7.88 -19.97
C GLY B 295 15.15 9.33 -19.58
N VAL B 296 15.78 9.78 -18.50
CA VAL B 296 15.59 11.15 -18.03
C VAL B 296 16.94 11.75 -17.65
N CYS B 297 17.10 13.03 -17.95
CA CYS B 297 18.25 13.78 -17.46
C CYS B 297 17.84 15.23 -17.39
N VAL B 298 18.76 16.06 -16.88
CA VAL B 298 18.54 17.48 -16.75
C VAL B 298 19.31 18.22 -17.83
N LEU B 299 18.66 19.21 -18.42
CA LEU B 299 19.26 20.12 -19.39
C LEU B 299 19.34 21.53 -18.83
N ARG B 300 20.38 22.25 -19.21
CA ARG B 300 20.53 23.66 -18.84
C ARG B 300 20.11 24.48 -20.06
N GLU B 301 18.87 25.00 -20.03
CA GLU B 301 18.29 25.70 -21.17
C GLU B 301 19.08 26.93 -21.58
N ASN C 14 -17.89 -19.25 41.36
CA ASN C 14 -17.09 -18.34 42.16
C ASN C 14 -15.87 -17.86 41.38
N GLU C 15 -16.02 -16.74 40.69
CA GLU C 15 -14.93 -16.20 39.89
C GLU C 15 -14.00 -15.35 40.76
N VAL C 16 -12.73 -15.30 40.36
CA VAL C 16 -11.74 -14.49 41.06
C VAL C 16 -10.84 -13.80 40.03
N LEU C 17 -10.17 -12.77 40.50
CA LEU C 17 -9.34 -11.92 39.67
C LEU C 17 -7.87 -12.27 39.85
N LEU C 18 -7.14 -12.32 38.74
CA LEU C 18 -5.73 -12.68 38.70
C LEU C 18 -4.93 -11.49 38.19
N VAL C 19 -3.84 -11.16 38.89
CA VAL C 19 -2.96 -10.03 38.55
C VAL C 19 -1.52 -10.55 38.58
N VAL C 20 -0.82 -10.43 37.46
CA VAL C 20 0.49 -11.06 37.29
C VAL C 20 1.48 -10.06 36.70
N GLY C 21 2.69 -10.03 37.28
CA GLY C 21 3.77 -9.25 36.70
C GLY C 21 3.53 -7.76 36.84
N GLY C 22 4.08 -7.01 35.90
CA GLY C 22 3.97 -5.56 35.92
C GLY C 22 5.26 -4.89 36.38
N PHE C 23 5.12 -3.59 36.63
CA PHE C 23 6.19 -2.71 37.07
C PHE C 23 5.93 -2.40 38.54
N GLY C 24 6.87 -2.80 39.42
CA GLY C 24 6.68 -2.67 40.86
C GLY C 24 7.29 -1.38 41.43
N SER C 25 7.15 -1.22 42.75
CA SER C 25 7.58 0.02 43.37
C SER C 25 9.10 0.14 43.46
N GLN C 26 9.83 -0.97 43.45
CA GLN C 26 11.28 -0.92 43.33
C GLN C 26 11.75 -0.41 41.96
N GLN C 27 10.80 -0.06 41.07
CA GLN C 27 11.12 0.47 39.74
C GLN C 27 11.74 -0.60 38.84
N SER C 28 11.31 -1.83 38.99
CA SER C 28 11.72 -2.92 38.12
C SER C 28 10.52 -3.82 37.83
N PRO C 29 10.61 -4.66 36.79
CA PRO C 29 9.58 -5.67 36.59
C PRO C 29 9.57 -6.67 37.74
N ILE C 30 8.37 -7.11 38.13
CA ILE C 30 8.22 -8.05 39.22
C ILE C 30 7.70 -9.38 38.68
N ASP C 31 7.74 -10.40 39.53
CA ASP C 31 7.15 -11.69 39.22
C ASP C 31 5.92 -12.02 40.06
N VAL C 32 5.42 -11.05 40.83
CA VAL C 32 4.36 -11.33 41.79
C VAL C 32 3.09 -11.77 41.05
N VAL C 33 2.42 -12.79 41.57
CA VAL C 33 1.10 -13.23 41.12
C VAL C 33 0.13 -13.15 42.30
N GLU C 34 -0.97 -12.42 42.13
CA GLU C 34 -1.96 -12.28 43.19
C GLU C 34 -3.35 -12.67 42.68
N LYS C 35 -4.19 -13.10 43.63
CA LYS C 35 -5.59 -13.41 43.37
C LYS C 35 -6.45 -12.60 44.32
N TYR C 36 -7.45 -11.90 43.79
CA TYR C 36 -8.36 -11.11 44.62
C TYR C 36 -9.77 -11.67 44.50
N ASP C 37 -10.39 -11.92 45.64
CA ASP C 37 -11.76 -12.44 45.66
C ASP C 37 -12.72 -11.30 45.92
N PRO C 38 -13.47 -10.84 44.93
CA PRO C 38 -14.47 -9.77 45.18
C PRO C 38 -15.48 -10.12 46.25
N LYS C 39 -15.89 -11.39 46.33
CA LYS C 39 -16.91 -11.78 47.30
C LYS C 39 -16.40 -11.58 48.72
N THR C 40 -15.26 -12.19 49.04
CA THR C 40 -14.68 -12.08 50.37
C THR C 40 -13.81 -10.83 50.54
N GLN C 41 -13.40 -10.20 49.44
CA GLN C 41 -12.48 -9.06 49.47
C GLN C 41 -11.09 -9.45 50.02
N GLU C 42 -10.70 -10.70 49.80
CA GLU C 42 -9.42 -11.22 50.30
C GLU C 42 -8.42 -11.37 49.15
N TRP C 43 -7.16 -11.06 49.45
CA TRP C 43 -6.04 -11.26 48.54
C TRP C 43 -5.23 -12.48 48.94
N SER C 44 -4.65 -13.15 47.95
CA SER C 44 -3.75 -14.27 48.16
C SER C 44 -2.61 -14.23 47.15
N PHE C 45 -1.45 -14.69 47.57
CA PHE C 45 -0.34 -14.90 46.66
C PHE C 45 -0.46 -16.27 46.00
N LEU C 46 -0.22 -16.31 44.71
CA LEU C 46 -0.04 -17.53 43.95
C LEU C 46 1.45 -17.72 43.69
N PRO C 47 1.85 -18.88 43.15
CA PRO C 47 3.26 -19.04 42.75
C PRO C 47 3.70 -17.94 41.78
N SER C 48 4.88 -17.39 42.02
CA SER C 48 5.44 -16.34 41.16
C SER C 48 5.80 -16.91 39.79
N ILE C 49 5.72 -16.07 38.77
CA ILE C 49 6.14 -16.52 37.44
C ILE C 49 7.66 -16.71 37.43
N THR C 50 8.17 -17.37 36.39
CA THR C 50 9.57 -17.77 36.33
C THR C 50 10.49 -16.60 36.01
N ARG C 51 10.10 -15.78 35.04
CA ARG C 51 10.84 -14.59 34.63
C ARG C 51 10.02 -13.34 35.01
N LYS C 52 10.69 -12.30 35.48
CA LYS C 52 10.02 -11.05 35.80
C LYS C 52 9.59 -10.35 34.51
N ARG C 53 8.37 -9.80 34.51
CA ARG C 53 7.76 -9.31 33.27
C ARG C 53 6.89 -8.08 33.57
N ARG C 54 7.25 -6.94 33.00
CA ARG C 54 6.33 -5.83 32.91
C ARG C 54 5.82 -5.77 31.47
N TYR C 55 4.97 -4.78 31.20
CA TYR C 55 4.34 -4.65 29.88
C TYR C 55 3.77 -5.98 29.39
N VAL C 56 3.24 -6.78 30.31
CA VAL C 56 2.88 -8.16 30.01
C VAL C 56 1.37 -8.29 29.87
N ALA C 57 0.92 -9.40 29.27
CA ALA C 57 -0.50 -9.67 29.10
C ALA C 57 -0.80 -11.08 29.57
N SER C 58 -2.05 -11.31 29.96
CA SER C 58 -2.44 -12.60 30.52
C SER C 58 -3.89 -12.91 30.17
N VAL C 59 -4.17 -14.18 29.92
CA VAL C 59 -5.52 -14.69 29.69
C VAL C 59 -5.66 -16.00 30.42
N SER C 60 -6.90 -16.41 30.63
CA SER C 60 -7.20 -17.74 31.14
C SER C 60 -8.02 -18.50 30.09
N LEU C 61 -7.69 -19.77 29.93
CA LEU C 61 -8.30 -20.62 28.91
C LEU C 61 -8.42 -22.00 29.52
N HIS C 62 -9.65 -22.42 29.82
CA HIS C 62 -9.95 -23.72 30.43
C HIS C 62 -9.09 -23.95 31.67
N ASP C 63 -9.22 -23.00 32.61
CA ASP C 63 -8.54 -23.05 33.91
C ASP C 63 -7.03 -23.23 33.76
N ARG C 64 -6.48 -22.74 32.67
CA ARG C 64 -5.05 -22.48 32.58
C ARG C 64 -4.83 -20.98 32.51
N ILE C 65 -3.83 -20.50 33.22
CA ILE C 65 -3.40 -19.12 33.10
C ILE C 65 -2.24 -19.05 32.12
N TYR C 66 -2.29 -18.11 31.18
CA TYR C 66 -1.20 -17.86 30.28
C TYR C 66 -0.61 -16.49 30.56
N VAL C 67 0.71 -16.39 30.56
CA VAL C 67 1.41 -15.12 30.72
C VAL C 67 2.28 -14.93 29.49
N ILE C 68 2.02 -13.84 28.77
CA ILE C 68 2.37 -13.75 27.36
C ILE C 68 3.34 -12.60 27.15
N GLY C 69 4.59 -12.95 26.84
CA GLY C 69 5.56 -11.95 26.41
C GLY C 69 5.89 -10.98 27.52
N GLY C 70 5.98 -9.71 27.14
CA GLY C 70 6.29 -8.67 28.10
C GLY C 70 7.71 -8.14 27.96
N TYR C 71 8.29 -7.71 29.07
CA TYR C 71 9.59 -7.04 29.07
C TYR C 71 10.23 -7.25 30.42
N ASP C 72 11.42 -7.87 30.44
CA ASP C 72 12.09 -8.27 31.66
C ASP C 72 13.15 -7.28 32.12
N GLY C 73 13.22 -6.11 31.49
CA GLY C 73 14.21 -5.10 31.83
C GLY C 73 15.42 -5.12 30.92
N ARG C 74 15.69 -6.26 30.28
CA ARG C 74 16.75 -6.37 29.28
C ARG C 74 16.18 -6.42 27.87
N SER C 75 15.22 -7.32 27.63
CA SER C 75 14.64 -7.48 26.31
C SER C 75 13.13 -7.57 26.39
N ARG C 76 12.49 -7.29 25.27
CA ARG C 76 11.10 -7.67 25.06
C ARG C 76 11.02 -9.17 24.77
N LEU C 77 9.93 -9.78 25.18
CA LEU C 77 9.84 -11.23 25.29
C LEU C 77 8.82 -11.78 24.30
N SER C 78 9.18 -12.90 23.68
CA SER C 78 8.24 -13.73 22.94
C SER C 78 7.81 -14.95 23.72
N SER C 79 8.40 -15.21 24.88
CA SER C 79 8.13 -16.42 25.63
C SER C 79 6.79 -16.33 26.36
N VAL C 80 6.24 -17.50 26.70
CA VAL C 80 4.90 -17.67 27.25
C VAL C 80 4.97 -18.70 28.37
N GLU C 81 4.44 -18.37 29.54
CA GLU C 81 4.37 -19.28 30.69
C GLU C 81 2.92 -19.63 30.99
N CYS C 82 2.73 -20.80 31.62
CA CYS C 82 1.42 -21.38 31.81
C CYS C 82 1.32 -21.98 33.20
N LEU C 83 0.13 -21.90 33.80
CA LEU C 83 -0.14 -22.48 35.12
C LEU C 83 -1.52 -23.10 35.16
N ASP C 84 -1.61 -24.35 35.60
CA ASP C 84 -2.90 -25.03 35.79
C ASP C 84 -3.45 -24.70 37.17
N TYR C 85 -4.55 -23.95 37.21
CA TYR C 85 -5.08 -23.52 38.51
C TYR C 85 -5.90 -24.62 39.20
N ASP C 90 -1.31 -26.79 44.60
CA ASP C 90 0.06 -27.11 44.26
C ASP C 90 0.31 -26.90 42.76
N GLY C 91 0.46 -25.64 42.35
CA GLY C 91 0.62 -25.27 40.96
C GLY C 91 2.05 -24.82 40.67
N VAL C 92 2.54 -25.16 39.47
CA VAL C 92 3.88 -24.82 39.03
C VAL C 92 3.82 -24.24 37.62
N TRP C 93 4.55 -23.15 37.39
CA TRP C 93 4.58 -22.52 36.08
C TRP C 93 5.47 -23.30 35.14
N TYR C 94 5.08 -23.35 33.86
CA TYR C 94 5.87 -24.06 32.88
C TYR C 94 5.79 -23.34 31.54
N SER C 95 6.85 -23.51 30.75
CA SER C 95 6.96 -22.83 29.48
C SER C 95 6.20 -23.58 28.39
N VAL C 96 5.55 -22.84 27.51
CA VAL C 96 4.88 -23.41 26.35
C VAL C 96 5.47 -22.74 25.12
N ALA C 97 4.94 -23.03 23.94
CA ALA C 97 5.52 -22.47 22.71
C ALA C 97 5.51 -20.94 22.76
N PRO C 98 6.59 -20.29 22.31
CA PRO C 98 6.64 -18.83 22.33
C PRO C 98 6.00 -18.22 21.08
N MET C 99 5.72 -16.93 21.18
CA MET C 99 5.19 -16.22 20.03
C MET C 99 6.26 -16.07 18.95
N ASN C 100 5.79 -15.80 17.73
CA ASN C 100 6.68 -15.52 16.59
C ASN C 100 7.34 -14.15 16.69
N VAL C 101 6.83 -13.29 17.56
CA VAL C 101 7.24 -11.90 17.65
C VAL C 101 7.39 -11.55 19.13
N ARG C 102 8.47 -10.86 19.48
CA ARG C 102 8.58 -10.29 20.82
C ARG C 102 7.63 -9.11 20.96
N ARG C 103 6.83 -9.10 22.05
CA ARG C 103 5.76 -8.12 22.21
C ARG C 103 5.67 -7.67 23.66
N GLY C 104 5.84 -6.38 23.88
CA GLY C 104 5.43 -5.74 25.11
C GLY C 104 4.24 -4.83 24.83
N LEU C 105 3.37 -4.70 25.83
CA LEU C 105 2.15 -3.89 25.71
C LEU C 105 1.31 -4.36 24.53
N ALA C 106 1.15 -5.67 24.41
CA ALA C 106 0.30 -6.25 23.40
C ALA C 106 -1.10 -6.49 23.97
N GLY C 107 -2.09 -6.42 23.09
CA GLY C 107 -3.43 -6.86 23.45
C GLY C 107 -3.56 -8.36 23.28
N ALA C 108 -4.42 -8.96 24.11
CA ALA C 108 -4.57 -10.40 24.12
C ALA C 108 -5.98 -10.75 24.58
N THR C 109 -6.59 -11.72 23.90
CA THR C 109 -7.91 -12.18 24.28
C THR C 109 -8.04 -13.65 23.89
N THR C 110 -9.18 -14.24 24.25
CA THR C 110 -9.50 -15.60 23.88
C THR C 110 -10.72 -15.58 22.97
N LEU C 111 -10.70 -16.46 21.97
CA LEU C 111 -11.81 -16.63 21.05
C LEU C 111 -11.80 -18.08 20.60
N GLY C 112 -12.96 -18.72 20.62
CA GLY C 112 -12.96 -20.15 20.45
C GLY C 112 -12.13 -20.74 21.57
N ASP C 113 -11.33 -21.75 21.23
CA ASP C 113 -10.43 -22.34 22.21
C ASP C 113 -8.99 -21.92 21.98
N MET C 114 -8.78 -20.68 21.53
CA MET C 114 -7.47 -20.20 21.16
C MET C 114 -7.22 -18.83 21.78
N ILE C 115 -5.94 -18.43 21.79
CA ILE C 115 -5.53 -17.12 22.27
C ILE C 115 -5.17 -16.27 21.06
N TYR C 116 -5.63 -15.02 21.05
CA TYR C 116 -5.20 -14.05 20.07
C TYR C 116 -4.38 -12.96 20.73
N VAL C 117 -3.28 -12.58 20.10
CA VAL C 117 -2.45 -11.49 20.57
C VAL C 117 -2.15 -10.58 19.38
N SER C 118 -2.33 -9.28 19.55
CA SER C 118 -1.98 -8.34 18.49
C SER C 118 -1.19 -7.15 19.05
N GLY C 119 -0.54 -6.45 18.14
CA GLY C 119 0.16 -5.24 18.45
C GLY C 119 1.36 -5.48 19.34
N GLY C 120 1.79 -4.41 19.99
CA GLY C 120 2.91 -4.47 20.90
C GLY C 120 4.11 -3.76 20.31
N PHE C 121 5.18 -3.77 21.12
CA PHE C 121 6.44 -3.09 20.83
C PHE C 121 7.54 -4.09 21.13
N ASP C 122 8.47 -4.28 20.18
CA ASP C 122 9.57 -5.23 20.37
C ASP C 122 10.88 -4.55 20.76
N GLY C 123 10.90 -3.23 20.91
CA GLY C 123 12.10 -2.48 21.19
C GLY C 123 12.53 -1.58 20.06
N SER C 124 12.22 -1.97 18.82
CA SER C 124 12.51 -1.18 17.63
C SER C 124 11.26 -0.71 16.92
N ARG C 125 10.26 -1.59 16.77
CA ARG C 125 9.06 -1.29 16.01
C ARG C 125 7.81 -1.68 16.80
N ARG C 126 6.75 -0.90 16.59
CA ARG C 126 5.41 -1.27 17.00
C ARG C 126 4.76 -2.12 15.91
N HIS C 127 3.91 -3.06 16.32
CA HIS C 127 3.45 -4.12 15.44
C HIS C 127 2.04 -3.89 14.94
N THR C 128 1.83 -4.22 13.66
CA THR C 128 0.49 -4.43 13.14
C THR C 128 0.05 -5.88 13.26
N SER C 129 0.98 -6.82 13.48
CA SER C 129 0.63 -8.22 13.32
C SER C 129 -0.22 -8.72 14.49
N MET C 130 -1.04 -9.72 14.19
CA MET C 130 -1.77 -10.49 15.20
C MET C 130 -1.38 -11.95 15.03
N GLU C 131 -1.29 -12.67 16.15
CA GLU C 131 -1.03 -14.10 16.07
C GLU C 131 -1.95 -14.83 17.04
N ARG C 132 -2.03 -16.15 16.84
CA ARG C 132 -3.05 -16.99 17.46
C ARG C 132 -2.41 -18.25 18.01
N TYR C 133 -2.81 -18.66 19.21
CA TYR C 133 -2.23 -19.80 19.90
C TYR C 133 -3.25 -20.94 20.01
N ASP C 134 -2.85 -22.14 19.57
CA ASP C 134 -3.68 -23.34 19.66
C ASP C 134 -3.15 -24.25 20.76
N PRO C 135 -3.86 -24.40 21.89
CA PRO C 135 -3.37 -25.33 22.92
C PRO C 135 -3.35 -26.77 22.47
N ASN C 136 -4.13 -27.15 21.47
CA ASN C 136 -4.14 -28.54 21.03
C ASN C 136 -2.81 -28.98 20.45
N ILE C 137 -2.09 -28.09 19.78
CA ILE C 137 -0.80 -28.41 19.16
C ILE C 137 0.35 -27.59 19.70
N ASP C 138 0.11 -26.71 20.68
CA ASP C 138 1.15 -25.90 21.29
C ASP C 138 1.96 -25.13 20.24
N GLN C 139 1.27 -24.24 19.54
CA GLN C 139 1.89 -23.56 18.42
C GLN C 139 1.19 -22.22 18.21
N TRP C 140 1.95 -21.21 17.82
CA TRP C 140 1.45 -19.89 17.50
C TRP C 140 1.47 -19.69 15.99
N SER C 141 0.39 -19.12 15.44
CA SER C 141 0.28 -18.85 14.01
C SER C 141 0.04 -17.38 13.75
N MET C 142 0.71 -16.84 12.74
CA MET C 142 0.49 -15.44 12.35
C MET C 142 -0.79 -15.31 11.52
N LEU C 143 -1.57 -14.28 11.82
CA LEU C 143 -2.79 -13.97 11.09
C LEU C 143 -2.56 -12.68 10.31
N GLY C 144 -3.64 -11.95 10.00
CA GLY C 144 -3.51 -10.73 9.24
C GLY C 144 -2.90 -9.60 10.04
N ASP C 145 -2.48 -8.56 9.31
CA ASP C 145 -1.98 -7.33 9.91
C ASP C 145 -3.11 -6.33 10.14
N MET C 146 -3.03 -5.60 11.24
CA MET C 146 -3.96 -4.51 11.47
C MET C 146 -3.70 -3.40 10.47
N GLN C 147 -4.60 -2.42 10.44
CA GLN C 147 -4.36 -1.25 9.60
C GLN C 147 -3.29 -0.33 10.20
N THR C 148 -3.28 -0.15 11.52
CA THR C 148 -2.26 0.68 12.15
C THR C 148 -1.51 -0.15 13.19
N ALA C 149 -0.20 0.11 13.30
CA ALA C 149 0.58 -0.48 14.37
C ALA C 149 0.15 0.10 15.70
N ARG C 150 0.08 -0.74 16.74
CA ARG C 150 -0.46 -0.31 18.02
C ARG C 150 0.31 -0.98 19.16
N GLU C 151 0.89 -0.18 20.04
CA GLU C 151 1.28 -0.68 21.36
C GLU C 151 0.35 -0.02 22.37
N GLY C 152 0.14 -0.69 23.50
CA GLY C 152 -0.76 -0.13 24.49
C GLY C 152 -2.23 -0.16 24.14
N ALA C 153 -2.62 -0.99 23.18
CA ALA C 153 -4.02 -1.17 22.81
C ALA C 153 -4.52 -2.53 23.32
N GLY C 154 -5.76 -2.58 23.74
CA GLY C 154 -6.34 -3.83 24.22
C GLY C 154 -7.13 -4.55 23.15
N LEU C 155 -7.41 -5.84 23.40
CA LEU C 155 -8.17 -6.71 22.53
C LEU C 155 -9.41 -7.21 23.26
N VAL C 156 -10.56 -7.17 22.60
CA VAL C 156 -11.79 -7.65 23.23
C VAL C 156 -12.65 -8.35 22.19
N VAL C 157 -13.28 -9.43 22.61
CA VAL C 157 -14.16 -10.23 21.77
C VAL C 157 -15.60 -9.89 22.11
N ALA C 158 -16.39 -9.61 21.08
CA ALA C 158 -17.84 -9.51 21.25
C ALA C 158 -18.51 -10.24 20.09
N SER C 159 -19.27 -11.28 20.42
CA SER C 159 -20.08 -11.99 19.44
C SER C 159 -19.23 -12.52 18.30
N GLY C 160 -18.07 -13.09 18.66
CA GLY C 160 -17.18 -13.70 17.68
C GLY C 160 -16.38 -12.74 16.83
N VAL C 161 -16.40 -11.44 17.15
CA VAL C 161 -15.60 -10.45 16.45
C VAL C 161 -14.63 -9.83 17.45
N ILE C 162 -13.43 -9.50 16.99
CA ILE C 162 -12.35 -8.98 17.83
C ILE C 162 -12.19 -7.50 17.54
N TYR C 163 -12.16 -6.69 18.60
CA TYR C 163 -11.88 -5.26 18.50
C TYR C 163 -10.51 -4.93 19.13
N CYS C 164 -9.77 -4.03 18.48
CA CYS C 164 -8.50 -3.53 18.98
C CYS C 164 -8.58 -2.02 19.03
N LEU C 165 -8.36 -1.45 20.22
CA LEU C 165 -8.79 -0.09 20.54
C LEU C 165 -7.61 0.79 20.91
N GLY C 166 -7.48 1.92 20.23
CA GLY C 166 -6.51 2.92 20.62
C GLY C 166 -5.08 2.45 20.59
N GLY C 167 -4.32 2.85 21.60
CA GLY C 167 -2.91 2.53 21.67
C GLY C 167 -2.03 3.67 21.19
N TYR C 168 -0.82 3.31 20.79
CA TYR C 168 0.22 4.24 20.37
C TYR C 168 0.94 3.65 19.17
N ASP C 169 1.04 4.42 18.07
CA ASP C 169 1.68 3.92 16.86
C ASP C 169 3.13 4.36 16.75
N GLY C 170 3.72 4.86 17.84
CA GLY C 170 5.08 5.34 17.82
C GLY C 170 5.21 6.82 17.52
N LEU C 171 4.14 7.46 17.10
CA LEU C 171 4.09 8.90 16.86
C LEU C 171 2.97 9.59 17.60
N ASN C 172 1.78 8.96 17.64
CA ASN C 172 0.62 9.57 18.28
C ASN C 172 -0.10 8.55 19.16
N ILE C 173 -0.62 9.02 20.29
CA ILE C 173 -1.70 8.29 20.95
C ILE C 173 -2.89 8.27 20.02
N LEU C 174 -3.65 7.19 20.07
CA LEU C 174 -4.69 6.89 19.09
C LEU C 174 -6.06 6.79 19.74
N ASN C 175 -7.08 7.34 19.07
CA ASN C 175 -8.46 7.02 19.42
C ASN C 175 -9.12 6.08 18.42
N SER C 176 -8.35 5.58 17.45
CA SER C 176 -8.92 4.74 16.41
C SER C 176 -9.18 3.32 16.92
N VAL C 177 -10.16 2.67 16.30
CA VAL C 177 -10.64 1.34 16.70
C VAL C 177 -10.80 0.49 15.45
N GLU C 178 -10.20 -0.71 15.45
CA GLU C 178 -10.30 -1.66 14.36
C GLU C 178 -10.96 -2.95 14.85
N LYS C 179 -11.60 -3.67 13.93
CA LYS C 179 -12.25 -4.92 14.29
C LYS C 179 -11.86 -6.00 13.27
N TYR C 180 -11.70 -7.22 13.77
CA TYR C 180 -11.28 -8.36 12.97
C TYR C 180 -12.43 -9.34 12.85
N ASP C 181 -12.90 -9.54 11.62
CA ASP C 181 -13.97 -10.48 11.33
C ASP C 181 -13.36 -11.79 10.84
N PRO C 182 -13.34 -12.85 11.65
CA PRO C 182 -12.68 -14.09 11.23
C PRO C 182 -13.29 -14.70 9.98
N HIS C 183 -14.54 -14.36 9.68
CA HIS C 183 -15.16 -14.92 8.47
C HIS C 183 -14.60 -14.27 7.21
N THR C 184 -14.13 -13.03 7.31
CA THR C 184 -13.47 -12.36 6.20
C THR C 184 -11.95 -12.35 6.32
N GLY C 185 -11.41 -12.54 7.52
CA GLY C 185 -9.99 -12.40 7.74
C GLY C 185 -9.45 -11.00 7.55
N HIS C 186 -10.31 -9.98 7.64
CA HIS C 186 -9.90 -8.61 7.42
C HIS C 186 -10.19 -7.72 8.64
N TRP C 187 -9.36 -6.69 8.79
CA TRP C 187 -9.59 -5.62 9.74
C TRP C 187 -10.28 -4.45 9.04
N THR C 188 -11.28 -3.88 9.70
CA THR C 188 -11.93 -2.65 9.25
C THR C 188 -12.07 -1.72 10.45
N ASN C 189 -12.26 -0.43 10.15
CA ASN C 189 -12.34 0.60 11.17
C ASN C 189 -13.78 0.80 11.62
N VAL C 190 -13.97 0.98 12.93
CA VAL C 190 -15.29 1.37 13.42
C VAL C 190 -15.18 2.79 13.96
N THR C 191 -16.27 3.34 14.48
CA THR C 191 -16.26 4.69 15.00
C THR C 191 -15.17 4.85 16.06
N PRO C 192 -14.34 5.90 15.97
CA PRO C 192 -13.25 6.09 16.95
C PRO C 192 -13.78 6.51 18.31
N MET C 193 -12.95 6.27 19.33
CA MET C 193 -13.25 6.81 20.65
C MET C 193 -13.21 8.33 20.62
N ALA C 194 -13.85 8.93 21.63
CA ALA C 194 -13.79 10.37 21.80
C ALA C 194 -12.39 10.82 22.23
N THR C 195 -11.72 10.03 23.07
CA THR C 195 -10.42 10.38 23.61
C THR C 195 -9.37 9.41 23.09
N LYS C 196 -8.25 9.93 22.60
CA LYS C 196 -7.10 9.09 22.28
C LYS C 196 -6.53 8.52 23.57
N ARG C 197 -6.37 7.18 23.61
CA ARG C 197 -6.00 6.51 24.84
C ARG C 197 -4.98 5.43 24.57
N SER C 198 -3.90 5.43 25.34
CA SER C 198 -3.01 4.29 25.35
C SER C 198 -2.91 3.77 26.78
N GLY C 199 -2.75 2.46 26.92
CA GLY C 199 -2.62 1.87 28.24
C GLY C 199 -3.88 1.91 29.07
N ALA C 200 -5.04 1.90 28.44
CA ALA C 200 -6.31 1.88 29.16
C ALA C 200 -6.80 0.44 29.28
N GLY C 201 -7.64 0.20 30.29
CA GLY C 201 -8.26 -1.09 30.42
C GLY C 201 -9.48 -1.23 29.52
N VAL C 202 -9.68 -2.43 28.99
CA VAL C 202 -10.81 -2.71 28.10
C VAL C 202 -11.48 -4.00 28.55
N ALA C 203 -12.82 -3.97 28.59
CA ALA C 203 -13.62 -5.15 28.91
C ALA C 203 -15.02 -5.00 28.36
N LEU C 204 -15.64 -6.14 28.06
CA LEU C 204 -17.02 -6.18 27.59
C LEU C 204 -17.97 -6.32 28.78
N LEU C 205 -18.92 -5.40 28.90
CA LEU C 205 -19.91 -5.45 29.96
C LEU C 205 -21.29 -5.17 29.37
N ASN C 206 -22.19 -6.16 29.48
CA ASN C 206 -23.55 -6.04 28.96
C ASN C 206 -23.57 -5.52 27.53
N ASP C 207 -22.79 -6.19 26.67
CA ASP C 207 -22.67 -5.92 25.25
C ASP C 207 -22.11 -4.54 24.92
N HIS C 208 -21.54 -3.83 25.90
CA HIS C 208 -20.80 -2.60 25.65
C HIS C 208 -19.32 -2.82 25.92
N ILE C 209 -18.47 -2.28 25.05
CA ILE C 209 -17.04 -2.29 25.30
C ILE C 209 -16.68 -1.06 26.13
N TYR C 210 -16.20 -1.29 27.35
CA TYR C 210 -15.78 -0.22 28.23
C TYR C 210 -14.28 0.01 28.12
N VAL C 211 -13.87 1.28 28.11
CA VAL C 211 -12.47 1.67 28.07
C VAL C 211 -12.24 2.65 29.21
N VAL C 212 -11.38 2.27 30.16
CA VAL C 212 -11.18 3.04 31.39
C VAL C 212 -9.78 3.62 31.41
N GLY C 213 -9.69 4.93 31.64
CA GLY C 213 -8.40 5.53 31.93
C GLY C 213 -7.48 5.51 30.71
N GLY C 214 -6.20 5.28 30.98
CA GLY C 214 -5.18 5.43 29.96
C GLY C 214 -4.54 6.80 29.97
N PHE C 215 -3.78 7.07 28.90
CA PHE C 215 -2.98 8.28 28.75
C PHE C 215 -3.30 8.86 27.38
N ASP C 216 -3.71 10.12 27.33
CA ASP C 216 -4.10 10.75 26.09
C ASP C 216 -2.97 11.48 25.40
N GLY C 217 -1.75 11.42 25.93
CA GLY C 217 -0.61 12.13 25.39
C GLY C 217 -0.20 13.34 26.19
N THR C 218 -1.12 13.91 26.97
CA THR C 218 -0.86 15.00 27.88
C THR C 218 -1.23 14.66 29.31
N ALA C 219 -2.37 14.00 29.50
CA ALA C 219 -2.98 13.81 30.80
C ALA C 219 -3.22 12.34 31.08
N HIS C 220 -2.93 11.93 32.30
CA HIS C 220 -3.36 10.64 32.80
C HIS C 220 -4.86 10.70 33.13
N LEU C 221 -5.59 9.71 32.64
CA LEU C 221 -7.05 9.82 32.55
C LEU C 221 -7.75 9.02 33.65
N SER C 222 -8.79 9.62 34.20
CA SER C 222 -9.79 8.87 34.95
C SER C 222 -11.05 8.64 34.13
N SER C 223 -11.18 9.29 32.98
CA SER C 223 -12.42 9.24 32.22
C SER C 223 -12.66 7.85 31.65
N VAL C 224 -13.92 7.54 31.42
CA VAL C 224 -14.34 6.23 30.93
C VAL C 224 -15.29 6.43 29.76
N GLU C 225 -15.15 5.59 28.74
CA GLU C 225 -15.98 5.58 27.55
C GLU C 225 -16.55 4.18 27.34
N ALA C 226 -17.76 4.11 26.78
CA ALA C 226 -18.39 2.82 26.47
C ALA C 226 -18.92 2.82 25.04
N TYR C 227 -18.63 1.74 24.32
CA TYR C 227 -19.04 1.57 22.93
C TYR C 227 -20.33 0.75 22.86
N ASN C 228 -21.31 1.26 22.13
CA ASN C 228 -22.54 0.52 21.86
C ASN C 228 -22.33 -0.15 20.50
N ILE C 229 -22.16 -1.49 20.52
CA ILE C 229 -21.90 -2.22 19.28
C ILE C 229 -23.12 -2.15 18.35
N ARG C 230 -24.32 -2.29 18.90
CA ARG C 230 -25.51 -2.31 18.05
C ARG C 230 -25.69 -0.99 17.30
N THR C 231 -25.17 0.12 17.84
CA THR C 231 -25.35 1.41 17.21
C THR C 231 -24.05 2.07 16.77
N ASP C 232 -22.90 1.41 16.95
CA ASP C 232 -21.62 1.94 16.47
C ASP C 232 -21.33 3.33 17.03
N SER C 233 -21.60 3.54 18.31
CA SER C 233 -21.45 4.87 18.90
C SER C 233 -20.86 4.79 20.30
N TRP C 234 -20.10 5.84 20.64
CA TRP C 234 -19.45 5.97 21.94
C TRP C 234 -20.19 6.98 22.80
N THR C 235 -20.25 6.70 24.09
CA THR C 235 -20.82 7.62 25.07
C THR C 235 -19.89 7.67 26.29
N THR C 236 -19.82 8.85 26.92
CA THR C 236 -19.02 9.02 28.12
C THR C 236 -19.72 8.44 29.33
N VAL C 237 -18.95 7.72 30.15
CA VAL C 237 -19.43 7.11 31.39
C VAL C 237 -18.84 7.90 32.55
N THR C 238 -19.42 7.73 33.75
CA THR C 238 -18.89 8.33 34.96
C THR C 238 -17.41 7.98 35.15
N SER C 239 -16.61 9.02 35.46
CA SER C 239 -15.17 8.86 35.61
C SER C 239 -14.81 8.00 36.83
N MET C 240 -13.59 7.47 36.81
CA MET C 240 -13.09 6.69 37.93
C MET C 240 -12.73 7.61 39.10
N THR C 241 -12.47 6.99 40.25
CA THR C 241 -12.09 7.76 41.44
C THR C 241 -10.74 8.44 41.29
N THR C 242 -9.87 7.92 40.41
CA THR C 242 -8.51 8.42 40.24
C THR C 242 -8.06 8.12 38.82
N PRO C 243 -7.19 8.94 38.25
CA PRO C 243 -6.55 8.56 36.97
C PRO C 243 -5.82 7.24 37.12
N ARG C 244 -5.89 6.42 36.07
CA ARG C 244 -5.25 5.11 36.06
C ARG C 244 -4.79 4.85 34.64
N CYS C 245 -3.50 4.69 34.44
CA CYS C 245 -2.90 4.37 33.15
CA CYS C 245 -3.02 4.28 33.13
C CYS C 245 -2.13 3.07 33.29
N TYR C 246 -2.00 2.34 32.18
CA TYR C 246 -1.42 1.00 32.20
C TYR C 246 -2.12 0.18 33.28
N VAL C 247 -3.45 0.23 33.21
CA VAL C 247 -4.37 -0.36 34.16
C VAL C 247 -5.11 -1.52 33.49
N GLY C 248 -5.36 -2.57 34.24
CA GLY C 248 -6.13 -3.67 33.71
C GLY C 248 -7.59 -3.54 34.03
N ALA C 249 -8.42 -4.18 33.21
CA ALA C 249 -9.86 -4.15 33.42
C ALA C 249 -10.43 -5.54 33.17
N THR C 250 -11.32 -5.98 34.07
CA THR C 250 -12.02 -7.24 33.90
C THR C 250 -13.44 -7.10 34.43
N VAL C 251 -14.33 -7.90 33.85
CA VAL C 251 -15.71 -8.00 34.28
C VAL C 251 -15.85 -9.25 35.14
N LEU C 252 -16.50 -9.10 36.30
CA LEU C 252 -16.74 -10.21 37.20
C LEU C 252 -18.15 -10.07 37.76
N ARG C 253 -18.96 -11.12 37.58
CA ARG C 253 -20.32 -11.18 38.11
C ARG C 253 -21.09 -9.87 37.83
N GLY C 254 -21.01 -9.41 36.59
CA GLY C 254 -21.78 -8.26 36.17
C GLY C 254 -21.25 -6.90 36.58
N ARG C 255 -20.01 -6.82 37.05
CA ARG C 255 -19.43 -5.55 37.46
C ARG C 255 -18.05 -5.42 36.84
N LEU C 256 -17.68 -4.17 36.55
CA LEU C 256 -16.44 -3.84 35.84
C LEU C 256 -15.38 -3.38 36.85
N TYR C 257 -14.19 -3.98 36.79
CA TYR C 257 -13.12 -3.68 37.75
C TYR C 257 -11.91 -3.07 37.06
N ALA C 258 -11.40 -1.98 37.65
CA ALA C 258 -10.15 -1.37 37.24
C ALA C 258 -9.06 -1.72 38.25
N ILE C 259 -7.95 -2.25 37.76
CA ILE C 259 -6.97 -2.95 38.60
C ILE C 259 -5.67 -2.17 38.61
N ALA C 260 -5.31 -1.61 39.76
CA ALA C 260 -3.94 -1.09 39.99
C ALA C 260 -3.66 0.02 38.97
N GLY C 261 -2.47 0.08 38.41
CA GLY C 261 -2.14 1.13 37.45
C GLY C 261 -1.28 2.23 38.06
N TYR C 262 -1.10 3.27 37.25
CA TYR C 262 -0.27 4.42 37.56
C TYR C 262 -1.11 5.69 37.41
N ASP C 263 -1.23 6.47 38.48
CA ASP C 263 -2.09 7.65 38.43
C ASP C 263 -1.38 8.88 37.89
N GLY C 264 -0.17 8.74 37.38
CA GLY C 264 0.63 9.86 36.94
C GLY C 264 1.65 10.31 37.94
N ASN C 265 1.58 9.80 39.17
CA ASN C 265 2.43 10.27 40.26
C ASN C 265 2.97 9.06 41.00
N SER C 266 2.08 8.16 41.43
CA SER C 266 2.50 6.96 42.12
C SER C 266 1.85 5.73 41.48
N LEU C 267 2.38 4.57 41.85
CA LEU C 267 1.79 3.29 41.52
C LEU C 267 0.64 3.00 42.48
N LEU C 268 -0.40 2.36 41.97
CA LEU C 268 -1.63 2.16 42.74
C LEU C 268 -1.75 0.72 43.20
N SER C 269 -2.28 0.55 44.40
CA SER C 269 -2.57 -0.75 44.97
C SER C 269 -4.07 -1.05 44.98
N SER C 270 -4.90 -0.10 44.58
CA SER C 270 -6.33 -0.24 44.75
C SER C 270 -7.01 -0.86 43.53
N ILE C 271 -8.19 -1.40 43.79
CA ILE C 271 -9.12 -1.84 42.76
C ILE C 271 -10.42 -1.09 42.97
N GLU C 272 -10.94 -0.47 41.92
CA GLU C 272 -12.26 0.12 42.01
C GLU C 272 -13.19 -0.59 41.03
N CYS C 273 -14.48 -0.55 41.37
CA CYS C 273 -15.50 -1.35 40.73
C CYS C 273 -16.64 -0.43 40.33
N TYR C 274 -17.07 -0.56 39.06
CA TYR C 274 -18.17 0.23 38.53
C TYR C 274 -19.45 -0.58 38.62
N ASP C 275 -20.47 -0.03 39.26
CA ASP C 275 -21.76 -0.71 39.36
C ASP C 275 -22.76 0.02 38.48
N PRO C 276 -23.20 -0.57 37.36
CA PRO C 276 -24.17 0.10 36.49
C PRO C 276 -25.46 0.48 37.20
N ILE C 277 -25.82 -0.21 38.28
CA ILE C 277 -27.09 0.07 38.95
C ILE C 277 -27.05 1.42 39.67
N ILE C 278 -25.88 1.79 40.21
CA ILE C 278 -25.70 3.11 40.77
C ILE C 278 -24.94 4.04 39.84
N ASP C 279 -24.52 3.55 38.68
CA ASP C 279 -23.79 4.36 37.71
C ASP C 279 -22.56 5.02 38.34
N SER C 280 -21.85 4.30 39.21
CA SER C 280 -20.75 4.90 39.95
C SER C 280 -19.61 3.92 40.19
N TRP C 281 -18.43 4.48 40.45
CA TRP C 281 -17.23 3.73 40.79
C TRP C 281 -17.00 3.73 42.30
N GLU C 282 -16.68 2.55 42.84
CA GLU C 282 -16.35 2.39 44.26
C GLU C 282 -15.00 1.67 44.39
N VAL C 283 -14.07 2.26 45.14
CA VAL C 283 -12.87 1.53 45.53
C VAL C 283 -13.27 0.37 46.42
N VAL C 284 -12.91 -0.85 46.04
CA VAL C 284 -13.29 -2.03 46.80
C VAL C 284 -12.12 -2.64 47.57
N THR C 285 -10.89 -2.30 47.25
CA THR C 285 -9.75 -2.71 48.06
C THR C 285 -8.59 -1.78 47.74
N SER C 286 -7.69 -1.61 48.70
CA SER C 286 -6.46 -0.88 48.48
C SER C 286 -5.25 -1.68 48.96
N MET C 287 -5.40 -3.00 49.11
CA MET C 287 -4.39 -3.88 49.67
C MET C 287 -3.69 -4.76 48.63
N GLY C 288 -3.78 -4.43 47.33
CA GLY C 288 -2.98 -5.15 46.36
C GLY C 288 -1.51 -4.68 46.31
N THR C 289 -0.68 -5.40 45.55
CA THR C 289 0.65 -4.90 45.21
C THR C 289 0.53 -3.63 44.36
N GLN C 290 1.35 -2.62 44.68
CA GLN C 290 1.41 -1.45 43.81
C GLN C 290 2.11 -1.83 42.52
N ARG C 291 1.47 -1.61 41.39
CA ARG C 291 2.07 -2.01 40.13
C ARG C 291 1.24 -1.47 38.98
N CYS C 292 1.87 -1.38 37.82
CA CYS C 292 1.18 -1.02 36.60
C CYS C 292 1.72 -1.90 35.45
N ASP C 293 1.05 -1.81 34.30
CA ASP C 293 1.19 -2.70 33.15
C ASP C 293 1.38 -4.17 33.54
N ALA C 294 0.54 -4.64 34.45
CA ALA C 294 0.51 -6.07 34.76
C ALA C 294 -0.49 -6.77 33.85
N GLY C 295 -0.49 -8.10 33.90
CA GLY C 295 -1.53 -8.89 33.24
C GLY C 295 -2.66 -9.21 34.20
N VAL C 296 -3.89 -9.13 33.69
CA VAL C 296 -5.06 -9.51 34.49
C VAL C 296 -5.96 -10.45 33.69
N CYS C 297 -6.61 -11.35 34.41
CA CYS C 297 -7.62 -12.22 33.81
C CYS C 297 -8.53 -12.73 34.93
N VAL C 298 -9.50 -13.56 34.55
CA VAL C 298 -10.50 -14.05 35.49
C VAL C 298 -10.39 -15.56 35.58
N LEU C 299 -10.44 -16.07 36.81
CA LEU C 299 -10.36 -17.50 37.07
C LEU C 299 -11.69 -18.02 37.59
N ARG C 300 -12.05 -19.24 37.19
CA ARG C 300 -13.24 -19.92 37.68
C ARG C 300 -12.79 -20.86 38.80
N GLU C 301 -12.75 -20.33 40.01
CA GLU C 301 -12.39 -21.11 41.19
C GLU C 301 -13.43 -22.20 41.41
N ALA D 13 -28.05 21.40 6.59
CA ALA D 13 -28.97 22.54 6.67
C ALA D 13 -28.33 23.70 7.44
N ASN D 14 -27.30 23.39 8.24
CA ASN D 14 -26.54 24.39 8.98
C ASN D 14 -25.27 24.70 8.18
N GLU D 15 -25.38 25.67 7.29
CA GLU D 15 -24.24 26.10 6.48
C GLU D 15 -23.30 26.99 7.31
N VAL D 16 -22.00 26.85 7.07
CA VAL D 16 -21.01 27.71 7.70
C VAL D 16 -20.06 28.24 6.64
N LEU D 17 -19.47 29.40 6.94
CA LEU D 17 -18.51 30.03 6.05
C LEU D 17 -17.12 29.47 6.35
N LEU D 18 -16.36 29.23 5.28
CA LEU D 18 -14.97 28.80 5.36
C LEU D 18 -14.07 29.86 4.74
N VAL D 19 -12.99 30.23 5.42
CA VAL D 19 -12.09 31.32 4.99
C VAL D 19 -10.65 30.80 5.07
N VAL D 20 -9.94 30.77 3.92
CA VAL D 20 -8.64 30.10 3.80
C VAL D 20 -7.59 31.05 3.28
N GLY D 21 -6.39 31.00 3.88
CA GLY D 21 -5.21 31.66 3.37
C GLY D 21 -5.35 33.17 3.26
N GLY D 22 -4.75 33.72 2.21
CA GLY D 22 -4.69 35.16 2.01
C GLY D 22 -3.46 35.79 2.63
N PHE D 23 -3.50 37.13 2.70
CA PHE D 23 -2.42 38.00 3.12
C PHE D 23 -2.74 38.51 4.53
N GLY D 24 -1.85 38.26 5.49
CA GLY D 24 -2.10 38.54 6.88
C GLY D 24 -1.34 39.75 7.42
N SER D 25 -1.54 39.99 8.72
CA SER D 25 -1.00 41.23 9.28
C SER D 25 0.51 41.21 9.44
N GLN D 26 1.16 40.05 9.32
CA GLN D 26 2.63 40.00 9.26
C GLN D 26 3.16 40.35 7.87
N GLN D 27 2.28 40.81 6.98
CA GLN D 27 2.61 41.21 5.61
C GLN D 27 3.18 40.05 4.78
N SER D 28 2.66 38.85 5.01
CA SER D 28 3.03 37.69 4.20
C SER D 28 1.81 36.80 3.97
N PRO D 29 1.90 35.81 3.08
CA PRO D 29 0.79 34.85 2.94
C PRO D 29 0.66 33.97 4.17
N ILE D 30 -0.55 33.49 4.43
CA ILE D 30 -0.79 32.67 5.61
C ILE D 30 -1.40 31.33 5.23
N ASP D 31 -1.41 30.41 6.21
CA ASP D 31 -2.05 29.10 6.04
C ASP D 31 -3.30 28.96 6.90
N VAL D 32 -3.79 30.04 7.51
CA VAL D 32 -4.88 29.95 8.46
C VAL D 32 -6.15 29.53 7.75
N VAL D 33 -6.85 28.54 8.31
CA VAL D 33 -8.19 28.16 7.87
C VAL D 33 -9.18 28.42 9.01
N GLU D 34 -10.24 29.19 8.73
CA GLU D 34 -11.23 29.52 9.74
C GLU D 34 -12.62 29.15 9.26
N LYS D 35 -13.45 28.73 10.21
CA LYS D 35 -14.87 28.49 9.97
C LYS D 35 -15.65 29.47 10.83
N TYR D 36 -16.73 30.02 10.27
CA TYR D 36 -17.59 30.96 10.98
C TYR D 36 -19.05 30.56 10.82
N ASP D 37 -19.72 30.34 11.94
CA ASP D 37 -21.11 29.93 11.96
C ASP D 37 -22.00 31.15 12.17
N PRO D 38 -22.72 31.62 11.14
CA PRO D 38 -23.47 32.87 11.29
C PRO D 38 -24.62 32.80 12.28
N LYS D 39 -25.11 31.59 12.57
CA LYS D 39 -26.17 31.45 13.56
C LYS D 39 -25.61 31.66 14.97
N THR D 40 -24.66 30.81 15.38
CA THR D 40 -24.10 30.95 16.72
C THR D 40 -23.15 32.14 16.84
N GLN D 41 -22.69 32.68 15.72
CA GLN D 41 -21.70 33.77 15.66
C GLN D 41 -20.31 33.35 16.13
N GLU D 42 -20.05 32.04 16.20
CA GLU D 42 -18.77 31.52 16.66
C GLU D 42 -17.79 31.28 15.51
N TRP D 43 -16.53 31.61 15.75
CA TRP D 43 -15.42 31.26 14.89
C TRP D 43 -14.68 30.05 15.45
N SER D 44 -14.12 29.25 14.55
CA SER D 44 -13.20 28.22 15.00
C SER D 44 -12.09 28.00 13.96
N PHE D 45 -10.95 27.53 14.44
CA PHE D 45 -9.85 27.16 13.55
C PHE D 45 -10.04 25.75 12.99
N LEU D 46 -9.73 25.57 11.71
CA LEU D 46 -9.56 24.25 11.11
C LEU D 46 -8.07 23.95 10.94
N PRO D 47 -7.70 22.71 10.59
CA PRO D 47 -6.30 22.43 10.26
C PRO D 47 -5.78 23.38 9.18
N SER D 48 -4.58 23.90 9.40
CA SER D 48 -3.97 24.81 8.45
C SER D 48 -3.68 24.10 7.12
N ILE D 49 -3.67 24.87 6.03
CA ILE D 49 -3.27 24.26 4.77
C ILE D 49 -1.76 24.03 4.77
N THR D 50 -1.31 23.17 3.86
CA THR D 50 0.07 22.71 3.86
CA THR D 50 0.09 22.74 3.91
C THR D 50 1.04 23.78 3.34
N ARG D 51 0.58 24.69 2.48
N ARG D 51 0.58 24.64 2.43
CA ARG D 51 1.39 25.78 1.96
CA ARG D 51 1.34 25.78 1.95
C ARG D 51 0.69 27.10 2.22
C ARG D 51 0.68 27.06 2.45
N LYS D 52 1.49 28.10 2.61
CA LYS D 52 0.95 29.45 2.82
C LYS D 52 0.61 30.06 1.46
N ARG D 53 -0.61 30.60 1.33
CA ARG D 53 -1.13 30.98 0.01
C ARG D 53 -1.94 32.26 0.13
N ARG D 54 -1.45 33.34 -0.46
CA ARG D 54 -2.26 34.51 -0.72
C ARG D 54 -2.79 34.46 -2.16
N TYR D 55 -3.64 35.42 -2.52
CA TYR D 55 -4.23 35.47 -3.86
C TYR D 55 -4.92 34.15 -4.23
N VAL D 56 -5.50 33.48 -3.26
CA VAL D 56 -5.93 32.10 -3.42
C VAL D 56 -7.43 32.03 -3.65
N ALA D 57 -7.89 30.97 -4.32
CA ALA D 57 -9.32 30.71 -4.48
C ALA D 57 -9.69 29.44 -3.76
N SER D 58 -10.97 29.32 -3.42
CA SER D 58 -11.47 28.10 -2.76
C SER D 58 -12.92 27.82 -3.15
N VAL D 59 -13.24 26.54 -3.34
CA VAL D 59 -14.62 26.11 -3.53
C VAL D 59 -14.84 24.85 -2.69
N SER D 60 -16.11 24.52 -2.49
CA SER D 60 -16.50 23.26 -1.87
C SER D 60 -17.31 22.46 -2.88
N LEU D 61 -17.08 21.17 -2.93
CA LEU D 61 -17.75 20.30 -3.90
C LEU D 61 -18.12 19.06 -3.09
N HIS D 62 -19.37 19.03 -2.63
CA HIS D 62 -19.87 18.05 -1.70
C HIS D 62 -19.21 18.25 -0.35
N ASP D 63 -18.68 17.19 0.24
CA ASP D 63 -18.09 17.30 1.57
C ASP D 63 -16.58 17.50 1.50
N ARG D 64 -16.14 18.32 0.54
CA ARG D 64 -14.74 18.42 0.21
C ARG D 64 -14.37 19.86 -0.14
N ILE D 65 -13.40 20.42 0.58
CA ILE D 65 -12.89 21.76 0.34
C ILE D 65 -11.72 21.71 -0.62
N TYR D 66 -11.70 22.60 -1.61
CA TYR D 66 -10.56 22.77 -2.50
C TYR D 66 -9.94 24.15 -2.32
N VAL D 67 -8.61 24.19 -2.25
CA VAL D 67 -7.84 25.42 -2.14
C VAL D 67 -6.91 25.47 -3.34
N ILE D 68 -7.04 26.50 -4.17
CA ILE D 68 -6.62 26.44 -5.57
C ILE D 68 -5.61 27.53 -5.87
N GLY D 69 -4.39 27.12 -6.24
CA GLY D 69 -3.40 28.09 -6.67
C GLY D 69 -3.00 29.08 -5.60
N GLY D 70 -2.81 30.32 -6.02
CA GLY D 70 -2.35 31.37 -5.16
C GLY D 70 -0.89 31.71 -5.38
N TYR D 71 -0.27 32.19 -4.31
CA TYR D 71 1.05 32.80 -4.38
C TYR D 71 1.66 32.72 -2.99
N ASP D 72 2.84 32.10 -2.86
CA ASP D 72 3.42 31.85 -1.55
C ASP D 72 4.50 32.86 -1.17
N GLY D 73 4.59 33.97 -1.87
CA GLY D 73 5.62 34.95 -1.64
C GLY D 73 6.84 34.79 -2.53
N ARG D 74 6.96 33.64 -3.21
CA ARG D 74 8.03 33.38 -4.17
C ARG D 74 7.48 33.04 -5.55
N SER D 75 6.55 32.08 -5.67
CA SER D 75 6.01 31.71 -6.97
C SER D 75 4.49 31.74 -6.93
N ARG D 76 3.89 32.01 -8.09
CA ARG D 76 2.49 31.65 -8.25
C ARG D 76 2.38 30.15 -8.31
N LEU D 77 1.23 29.65 -7.92
CA LEU D 77 1.02 28.23 -7.73
C LEU D 77 -0.07 27.70 -8.65
N SER D 78 0.15 26.48 -9.11
CA SER D 78 -0.88 25.69 -9.75
C SER D 78 -1.36 24.57 -8.85
N SER D 79 -0.66 24.32 -7.74
CA SER D 79 -1.01 23.22 -6.86
CA SER D 79 -1.02 23.21 -6.88
C SER D 79 -2.41 23.44 -6.25
N VAL D 80 -3.03 22.31 -5.87
CA VAL D 80 -4.38 22.29 -5.34
C VAL D 80 -4.39 21.38 -4.12
N GLU D 81 -4.94 21.86 -3.01
CA GLU D 81 -5.06 21.13 -1.75
C GLU D 81 -6.52 20.81 -1.47
N CYS D 82 -6.74 19.75 -0.70
CA CYS D 82 -8.06 19.17 -0.52
CA CYS D 82 -8.08 19.22 -0.49
C CYS D 82 -8.25 18.74 0.93
N LEU D 83 -9.41 19.03 1.50
CA LEU D 83 -9.76 18.56 2.84
C LEU D 83 -11.14 17.91 2.79
N ASP D 84 -11.25 16.68 3.29
CA ASP D 84 -12.55 16.03 3.39
C ASP D 84 -13.21 16.48 4.69
N TYR D 85 -14.23 17.34 4.59
CA TYR D 85 -14.88 17.87 5.79
C TYR D 85 -16.05 16.99 6.22
N GLY D 91 -9.48 16.06 10.33
CA GLY D 91 -9.30 16.16 8.90
C GLY D 91 -7.87 16.43 8.51
N VAL D 92 -7.44 15.98 7.33
CA VAL D 92 -6.08 16.16 6.87
C VAL D 92 -6.08 16.69 5.44
N TRP D 93 -5.35 17.78 5.21
CA TRP D 93 -5.20 18.30 3.86
C TRP D 93 -4.34 17.34 3.06
N TYR D 94 -4.62 17.26 1.76
CA TYR D 94 -3.83 16.42 0.86
C TYR D 94 -3.83 17.06 -0.52
N SER D 95 -2.73 16.87 -1.25
CA SER D 95 -2.64 17.44 -2.59
C SER D 95 -3.42 16.58 -3.59
N VAL D 96 -3.91 17.22 -4.64
CA VAL D 96 -4.46 16.47 -5.76
C VAL D 96 -3.79 17.00 -7.02
N ALA D 97 -4.44 16.80 -8.18
CA ALA D 97 -3.80 17.17 -9.43
C ALA D 97 -3.73 18.69 -9.55
N PRO D 98 -2.62 19.22 -10.04
CA PRO D 98 -2.45 20.67 -10.15
C PRO D 98 -3.04 21.20 -11.44
N MET D 99 -3.33 22.51 -11.43
CA MET D 99 -3.78 23.15 -12.64
C MET D 99 -2.67 23.11 -13.69
N ASN D 100 -3.06 23.26 -14.96
CA ASN D 100 -2.08 23.31 -16.03
C ASN D 100 -1.29 24.60 -16.01
N VAL D 101 -1.79 25.62 -15.33
CA VAL D 101 -1.21 26.97 -15.36
C VAL D 101 -1.14 27.48 -13.92
N ARG D 102 -0.06 28.20 -13.60
CA ARG D 102 0.04 28.88 -12.31
C ARG D 102 -0.90 30.09 -12.28
N ARG D 103 -1.71 30.19 -11.23
CA ARG D 103 -2.72 31.25 -11.16
C ARG D 103 -2.85 31.81 -9.76
N GLY D 104 -2.48 33.07 -9.60
CA GLY D 104 -2.93 33.88 -8.49
C GLY D 104 -4.02 34.84 -8.95
N LEU D 105 -4.95 35.12 -8.04
CA LEU D 105 -6.09 36.02 -8.31
C LEU D 105 -6.90 35.54 -9.51
N ALA D 106 -7.25 34.26 -9.48
CA ALA D 106 -8.12 33.68 -10.48
C ALA D 106 -9.52 33.53 -9.90
N GLY D 107 -10.53 33.58 -10.77
CA GLY D 107 -11.89 33.26 -10.35
C GLY D 107 -12.10 31.75 -10.36
N ALA D 108 -12.94 31.28 -9.45
CA ALA D 108 -13.18 29.86 -9.27
C ALA D 108 -14.64 29.62 -8.89
N THR D 109 -15.28 28.63 -9.51
CA THR D 109 -16.63 28.24 -9.13
C THR D 109 -16.84 26.76 -9.46
N THR D 110 -18.01 26.24 -9.12
CA THR D 110 -18.36 24.86 -9.41
C THR D 110 -19.60 24.81 -10.29
N LEU D 111 -19.63 23.85 -11.19
CA LEU D 111 -20.77 23.67 -12.07
C LEU D 111 -20.84 22.20 -12.45
N GLY D 112 -22.04 21.65 -12.44
CA GLY D 112 -22.14 20.21 -12.44
C GLY D 112 -21.37 19.72 -11.24
N ASP D 113 -20.62 18.65 -11.44
CA ASP D 113 -19.76 18.13 -10.40
C ASP D 113 -18.29 18.43 -10.70
N MET D 114 -18.02 19.61 -11.28
CA MET D 114 -16.69 19.99 -11.71
CA MET D 114 -16.67 19.96 -11.66
C MET D 114 -16.35 21.37 -11.18
N ILE D 115 -15.04 21.67 -11.16
CA ILE D 115 -14.53 22.98 -10.76
C ILE D 115 -14.05 23.69 -12.01
N TYR D 116 -14.39 24.96 -12.12
CA TYR D 116 -13.96 25.83 -13.19
C TYR D 116 -13.13 26.97 -12.60
N VAL D 117 -12.02 27.27 -13.27
CA VAL D 117 -11.08 28.30 -12.82
C VAL D 117 -10.65 29.08 -14.05
N SER D 118 -10.92 30.38 -14.07
CA SER D 118 -10.45 31.23 -15.16
C SER D 118 -9.53 32.33 -14.66
N GLY D 119 -8.70 32.81 -15.59
CA GLY D 119 -7.97 34.04 -15.40
C GLY D 119 -6.79 33.85 -14.45
N GLY D 120 -6.40 34.95 -13.81
CA GLY D 120 -5.29 34.90 -12.88
C GLY D 120 -4.02 35.51 -13.45
N PHE D 121 -2.96 35.39 -12.65
CA PHE D 121 -1.65 35.97 -12.94
C PHE D 121 -0.62 34.94 -12.52
N ASP D 122 0.37 34.68 -13.37
CA ASP D 122 1.41 33.69 -13.09
C ASP D 122 2.76 34.31 -12.73
N GLY D 123 2.80 35.62 -12.49
CA GLY D 123 4.04 36.34 -12.31
C GLY D 123 4.52 37.08 -13.55
N SER D 124 4.17 36.59 -14.74
CA SER D 124 4.54 37.24 -15.99
C SER D 124 3.36 37.74 -16.80
N ARG D 125 2.30 36.94 -16.92
CA ARG D 125 1.17 37.28 -17.77
C ARG D 125 -0.14 37.04 -17.02
N ARG D 126 -1.12 37.89 -17.28
CA ARG D 126 -2.51 37.61 -16.94
C ARG D 126 -3.12 36.68 -17.97
N HIS D 127 -4.01 35.78 -17.52
CA HIS D 127 -4.53 34.71 -18.36
C HIS D 127 -5.87 35.07 -18.96
N THR D 128 -6.11 34.62 -20.20
CA THR D 128 -7.46 34.47 -20.73
C THR D 128 -8.01 33.08 -20.51
N SER D 129 -7.15 32.10 -20.26
CA SER D 129 -7.59 30.72 -20.29
C SER D 129 -8.43 30.38 -19.06
N MET D 130 -9.22 29.32 -19.23
CA MET D 130 -10.01 28.70 -18.18
C MET D 130 -9.77 27.21 -18.25
N GLU D 131 -9.78 26.56 -17.09
CA GLU D 131 -9.63 25.13 -17.07
C GLU D 131 -10.60 24.55 -16.05
N ARG D 132 -10.83 23.26 -16.18
CA ARG D 132 -11.87 22.60 -15.42
C ARG D 132 -11.32 21.33 -14.80
N TYR D 133 -11.77 21.03 -13.60
CA TYR D 133 -11.32 19.88 -12.84
C TYR D 133 -12.44 18.86 -12.68
N ASP D 134 -12.17 17.61 -13.07
CA ASP D 134 -13.09 16.50 -12.89
C ASP D 134 -12.60 15.66 -11.72
N PRO D 135 -13.25 15.73 -10.56
CA PRO D 135 -12.82 14.90 -9.41
C PRO D 135 -12.86 13.41 -9.69
N ASN D 136 -13.71 12.95 -10.63
CA ASN D 136 -13.84 11.52 -10.90
C ASN D 136 -12.55 10.91 -11.42
N ILE D 137 -11.77 11.67 -12.19
CA ILE D 137 -10.52 11.17 -12.74
C ILE D 137 -9.32 12.00 -12.30
N ASP D 138 -9.50 13.03 -11.46
CA ASP D 138 -8.40 13.82 -10.89
C ASP D 138 -7.57 14.49 -11.98
N GLN D 139 -8.24 15.21 -12.88
CA GLN D 139 -7.61 15.77 -14.07
C GLN D 139 -8.15 17.16 -14.35
N TRP D 140 -7.24 18.07 -14.74
CA TRP D 140 -7.60 19.42 -15.18
C TRP D 140 -7.51 19.51 -16.70
N SER D 141 -8.57 20.02 -17.35
CA SER D 141 -8.64 20.19 -18.80
C SER D 141 -8.73 21.65 -19.18
N MET D 142 -8.02 22.04 -20.24
CA MET D 142 -8.15 23.41 -20.75
C MET D 142 -9.45 23.56 -21.54
N LEU D 143 -10.12 24.70 -21.35
CA LEU D 143 -11.32 25.05 -22.09
C LEU D 143 -11.04 26.29 -22.95
N GLY D 144 -12.10 26.88 -23.50
CA GLY D 144 -11.93 28.04 -24.37
C GLY D 144 -11.46 29.28 -23.61
N ASP D 145 -10.60 30.07 -24.28
CA ASP D 145 -10.08 31.33 -23.75
C ASP D 145 -11.15 32.42 -23.67
N MET D 146 -11.07 33.24 -22.62
CA MET D 146 -11.86 34.47 -22.53
C MET D 146 -11.39 35.48 -23.59
N GLN D 147 -12.20 36.51 -23.82
CA GLN D 147 -11.77 37.55 -24.74
C GLN D 147 -10.74 38.46 -24.10
N THR D 148 -10.83 38.68 -22.79
CA THR D 148 -9.96 39.60 -22.07
C THR D 148 -9.20 38.84 -20.99
N ALA D 149 -7.90 39.08 -20.88
CA ALA D 149 -7.14 38.51 -19.78
C ALA D 149 -7.50 39.21 -18.48
N ARG D 150 -7.77 38.46 -17.42
CA ARG D 150 -8.27 39.04 -16.18
C ARG D 150 -7.58 38.41 -14.99
N GLU D 151 -6.94 39.23 -14.17
CA GLU D 151 -6.68 38.86 -12.79
C GLU D 151 -7.65 39.64 -11.91
N GLY D 152 -7.98 39.07 -10.75
CA GLY D 152 -8.86 39.73 -9.81
C GLY D 152 -10.32 39.80 -10.24
N ALA D 153 -10.77 38.84 -11.06
CA ALA D 153 -12.17 38.74 -11.49
C ALA D 153 -12.81 37.49 -10.90
N GLY D 154 -14.00 37.63 -10.35
CA GLY D 154 -14.69 36.47 -9.85
C GLY D 154 -15.39 35.68 -10.94
N LEU D 155 -15.68 34.43 -10.62
CA LEU D 155 -16.50 33.54 -11.44
C LEU D 155 -17.78 33.21 -10.68
N VAL D 156 -18.91 33.18 -11.37
CA VAL D 156 -20.14 32.75 -10.70
C VAL D 156 -21.04 32.06 -11.71
N VAL D 157 -21.74 31.03 -11.24
CA VAL D 157 -22.63 30.23 -12.05
C VAL D 157 -24.06 30.64 -11.76
N ALA D 158 -24.84 30.85 -12.82
CA ALA D 158 -26.28 31.02 -12.68
C ALA D 158 -26.98 30.21 -13.78
N SER D 159 -27.73 29.19 -13.35
CA SER D 159 -28.55 28.38 -14.24
C SER D 159 -27.71 27.79 -15.36
N GLY D 160 -26.53 27.28 -15.00
CA GLY D 160 -25.68 26.54 -15.90
C GLY D 160 -24.78 27.34 -16.81
N VAL D 161 -24.74 28.66 -16.65
CA VAL D 161 -23.86 29.52 -17.41
C VAL D 161 -22.92 30.21 -16.44
N ILE D 162 -21.70 30.50 -16.90
CA ILE D 162 -20.65 31.03 -16.04
C ILE D 162 -20.36 32.47 -16.44
N TYR D 163 -20.35 33.36 -15.45
CA TYR D 163 -20.03 34.77 -15.63
C TYR D 163 -18.67 35.08 -15.01
N CYS D 164 -17.89 35.91 -15.69
CA CYS D 164 -16.59 36.33 -15.19
C CYS D 164 -16.54 37.85 -15.28
N LEU D 165 -16.29 38.51 -14.14
CA LEU D 165 -16.64 39.91 -13.94
C LEU D 165 -15.44 40.78 -13.61
N GLY D 166 -15.23 41.82 -14.41
CA GLY D 166 -14.24 42.82 -14.12
C GLY D 166 -12.84 42.25 -14.13
N GLY D 167 -12.03 42.78 -13.22
CA GLY D 167 -10.66 42.33 -13.07
C GLY D 167 -9.66 43.37 -13.54
N TYR D 168 -8.49 42.90 -13.95
CA TYR D 168 -7.39 43.74 -14.37
C TYR D 168 -6.63 43.00 -15.46
N ASP D 169 -6.40 43.64 -16.60
CA ASP D 169 -5.75 42.97 -17.71
C ASP D 169 -4.25 43.26 -17.77
N GLY D 170 -3.69 43.88 -16.73
CA GLY D 170 -2.30 44.27 -16.70
C GLY D 170 -2.08 45.73 -17.02
N LEU D 171 -3.06 46.38 -17.64
CA LEU D 171 -3.04 47.80 -17.93
C LEU D 171 -4.22 48.53 -17.31
N ASN D 172 -5.44 48.00 -17.46
CA ASN D 172 -6.63 48.68 -16.99
C ASN D 172 -7.45 47.80 -16.06
N ILE D 173 -8.01 48.44 -15.03
CA ILE D 173 -9.14 47.86 -14.30
C ILE D 173 -10.32 47.79 -15.28
N LEU D 174 -11.13 46.74 -15.13
CA LEU D 174 -12.15 46.43 -16.12
C LEU D 174 -13.53 46.51 -15.49
N ASN D 175 -14.49 47.03 -16.23
CA ASN D 175 -15.90 46.82 -15.89
C ASN D 175 -16.57 45.81 -16.81
N SER D 176 -15.82 45.23 -17.75
CA SER D 176 -16.41 44.29 -18.70
C SER D 176 -16.74 42.98 -18.01
N VAL D 177 -17.74 42.30 -18.55
CA VAL D 177 -18.23 41.02 -18.05
C VAL D 177 -18.36 40.08 -19.24
N GLU D 178 -17.97 38.83 -19.04
CA GLU D 178 -18.05 37.80 -20.07
C GLU D 178 -18.82 36.61 -19.53
N LYS D 179 -19.38 35.84 -20.45
CA LYS D 179 -20.24 34.71 -20.12
C LYS D 179 -19.84 33.49 -20.92
N TYR D 180 -19.70 32.35 -20.24
CA TYR D 180 -19.34 31.09 -20.86
C TYR D 180 -20.55 30.17 -20.92
N ASP D 181 -20.98 29.84 -22.13
CA ASP D 181 -22.09 28.91 -22.33
C ASP D 181 -21.52 27.52 -22.61
N PRO D 182 -21.59 26.58 -21.67
CA PRO D 182 -21.07 25.23 -21.94
C PRO D 182 -21.69 24.53 -23.14
N HIS D 183 -22.88 24.94 -23.60
CA HIS D 183 -23.48 24.32 -24.78
C HIS D 183 -22.92 24.86 -26.08
N THR D 184 -22.28 26.03 -26.05
CA THR D 184 -21.53 26.52 -27.21
C THR D 184 -20.03 26.39 -27.03
N GLY D 185 -19.55 26.20 -25.80
CA GLY D 185 -18.12 26.23 -25.58
C GLY D 185 -17.47 27.60 -25.75
N HIS D 186 -18.25 28.65 -25.95
CA HIS D 186 -17.76 29.98 -26.29
C HIS D 186 -18.02 30.99 -25.18
N TRP D 187 -17.14 31.99 -25.09
CA TRP D 187 -17.36 33.18 -24.28
C TRP D 187 -17.99 34.28 -25.14
N THR D 188 -18.91 35.04 -24.54
CA THR D 188 -19.50 36.20 -25.18
C THR D 188 -19.63 37.31 -24.14
N ASN D 189 -19.59 38.55 -24.60
CA ASN D 189 -19.60 39.67 -23.69
C ASN D 189 -21.01 39.99 -23.24
N VAL D 190 -21.12 40.52 -22.02
CA VAL D 190 -22.42 40.89 -21.49
C VAL D 190 -22.35 42.32 -21.02
N THR D 191 -23.53 42.87 -20.75
CA THR D 191 -23.66 44.26 -20.32
C THR D 191 -22.67 44.56 -19.19
N PRO D 192 -21.87 45.62 -19.32
CA PRO D 192 -20.82 45.88 -18.34
C PRO D 192 -21.35 46.48 -17.04
N MET D 193 -20.56 46.30 -15.98
CA MET D 193 -20.84 46.97 -14.74
C MET D 193 -20.70 48.49 -14.90
N ALA D 194 -21.31 49.22 -13.97
CA ALA D 194 -21.16 50.67 -13.99
C ALA D 194 -19.76 51.10 -13.55
N THR D 195 -19.11 50.30 -12.71
CA THR D 195 -17.83 50.67 -12.11
C THR D 195 -16.74 49.65 -12.47
N LYS D 196 -15.60 50.14 -12.94
CA LYS D 196 -14.40 49.31 -13.06
C LYS D 196 -14.02 48.76 -11.70
N ARG D 197 -13.90 47.43 -11.60
CA ARG D 197 -13.61 46.78 -10.34
C ARG D 197 -12.62 45.63 -10.53
N SER D 198 -11.55 45.64 -9.74
CA SER D 198 -10.72 44.47 -9.55
C SER D 198 -10.65 44.13 -8.06
N GLY D 199 -10.55 42.84 -7.75
CA GLY D 199 -10.56 42.41 -6.36
C GLY D 199 -11.90 42.60 -5.65
N ALA D 200 -13.02 42.52 -6.38
CA ALA D 200 -14.33 42.56 -5.75
C ALA D 200 -14.81 41.15 -5.39
N GLY D 201 -15.75 41.07 -4.46
CA GLY D 201 -16.42 39.82 -4.16
C GLY D 201 -17.63 39.64 -5.05
N VAL D 202 -17.94 38.39 -5.42
CA VAL D 202 -19.03 38.12 -6.35
C VAL D 202 -19.83 36.92 -5.85
N ALA D 203 -21.16 37.00 -5.96
CA ALA D 203 -22.03 35.94 -5.49
C ALA D 203 -23.42 36.09 -6.09
N LEU D 204 -24.12 34.97 -6.15
CA LEU D 204 -25.44 34.90 -6.75
C LEU D 204 -26.49 34.89 -5.64
N LEU D 205 -27.34 35.89 -5.63
CA LEU D 205 -28.40 35.99 -4.63
C LEU D 205 -29.72 36.26 -5.34
N ASN D 206 -30.72 35.41 -5.07
CA ASN D 206 -32.03 35.46 -5.72
C ASN D 206 -31.76 35.42 -7.23
N ASP D 207 -32.21 36.38 -8.02
CA ASP D 207 -31.95 36.29 -9.45
C ASP D 207 -30.69 37.02 -9.88
N HIS D 208 -29.92 37.55 -8.94
CA HIS D 208 -28.97 38.63 -9.23
C HIS D 208 -27.54 38.22 -8.90
N ILE D 209 -26.61 38.71 -9.71
CA ILE D 209 -25.20 38.60 -9.37
C ILE D 209 -24.81 39.89 -8.67
N TYR D 210 -24.36 39.77 -7.43
CA TYR D 210 -23.91 40.89 -6.64
C TYR D 210 -22.40 40.97 -6.76
N VAL D 211 -21.89 42.19 -6.94
CA VAL D 211 -20.46 42.48 -6.98
C VAL D 211 -20.20 43.52 -5.91
N VAL D 212 -19.37 43.18 -4.92
CA VAL D 212 -19.21 44.02 -3.73
C VAL D 212 -17.78 44.55 -3.69
N GLY D 213 -17.64 45.87 -3.63
CA GLY D 213 -16.32 46.44 -3.33
C GLY D 213 -15.34 46.30 -4.47
N GLY D 214 -14.07 46.14 -4.12
CA GLY D 214 -13.00 46.11 -5.10
C GLY D 214 -12.20 47.40 -5.14
N PHE D 215 -11.48 47.59 -6.24
CA PHE D 215 -10.62 48.73 -6.47
C PHE D 215 -10.83 49.17 -7.91
N ASP D 216 -11.02 50.47 -8.12
CA ASP D 216 -11.40 50.97 -9.44
C ASP D 216 -10.25 51.61 -10.20
N GLY D 217 -9.03 51.50 -9.69
CA GLY D 217 -7.88 52.14 -10.27
C GLY D 217 -7.48 53.41 -9.57
N THR D 218 -8.38 53.97 -8.74
CA THR D 218 -8.11 55.16 -7.95
C THR D 218 -8.46 54.93 -6.49
N ALA D 219 -9.70 54.56 -6.21
CA ALA D 219 -10.21 54.43 -4.86
C ALA D 219 -10.55 52.99 -4.53
N HIS D 220 -10.34 52.62 -3.26
CA HIS D 220 -10.89 51.36 -2.75
C HIS D 220 -12.38 51.56 -2.48
N LEU D 221 -13.18 50.58 -2.90
CA LEU D 221 -14.62 50.77 -3.07
C LEU D 221 -15.43 50.13 -1.95
N SER D 222 -16.44 50.87 -1.49
CA SER D 222 -17.50 50.28 -0.70
C SER D 222 -18.76 50.04 -1.52
N SER D 223 -18.80 50.55 -2.76
CA SER D 223 -20.00 50.46 -3.58
C SER D 223 -20.33 49.02 -3.95
N VAL D 224 -21.62 48.77 -4.21
CA VAL D 224 -22.15 47.46 -4.55
C VAL D 224 -23.05 47.61 -5.78
N GLU D 225 -22.94 46.68 -6.74
CA GLU D 225 -23.83 46.60 -7.90
C GLU D 225 -24.46 45.22 -7.99
N ALA D 226 -25.58 45.14 -8.71
CA ALA D 226 -26.29 43.87 -8.86
C ALA D 226 -26.81 43.72 -10.28
N TYR D 227 -26.52 42.58 -10.88
CA TYR D 227 -26.90 42.26 -12.25
C TYR D 227 -28.15 41.40 -12.23
N ASN D 228 -29.26 41.92 -12.75
CA ASN D 228 -30.47 41.11 -12.92
C ASN D 228 -30.29 40.27 -14.18
N ILE D 229 -30.20 38.96 -14.01
CA ILE D 229 -29.95 38.10 -15.16
C ILE D 229 -31.17 38.10 -16.07
N ARG D 230 -32.37 38.07 -15.49
CA ARG D 230 -33.57 37.95 -16.30
C ARG D 230 -33.78 39.19 -17.18
N THR D 231 -33.43 40.38 -16.68
CA THR D 231 -33.61 41.61 -17.47
C THR D 231 -32.31 42.18 -18.02
N ASP D 232 -31.17 41.50 -17.84
CA ASP D 232 -29.89 41.91 -18.43
C ASP D 232 -29.55 43.36 -18.09
N SER D 233 -29.62 43.68 -16.81
CA SER D 233 -29.42 45.07 -16.43
C SER D 233 -28.75 45.13 -15.07
N TRP D 234 -28.04 46.23 -14.85
CA TRP D 234 -27.26 46.48 -13.64
C TRP D 234 -27.90 47.60 -12.83
N THR D 235 -27.94 47.44 -11.51
CA THR D 235 -28.35 48.51 -10.63
C THR D 235 -27.40 48.60 -9.46
N THR D 236 -27.12 49.83 -9.01
CA THR D 236 -26.25 50.05 -7.88
C THR D 236 -27.07 50.10 -6.60
N VAL D 237 -26.56 49.42 -5.58
CA VAL D 237 -27.27 49.10 -4.36
C VAL D 237 -26.53 49.80 -3.22
N THR D 238 -27.11 49.79 -2.02
CA THR D 238 -26.47 50.45 -0.88
C THR D 238 -25.05 49.91 -0.64
N SER D 239 -24.14 50.85 -0.42
CA SER D 239 -22.73 50.57 -0.19
C SER D 239 -22.50 49.81 1.11
N MET D 240 -21.35 49.13 1.18
CA MET D 240 -21.00 48.38 2.38
C MET D 240 -20.67 49.36 3.52
N THR D 241 -20.58 48.82 4.74
CA THR D 241 -20.20 49.65 5.88
C THR D 241 -18.79 50.22 5.74
N THR D 242 -17.89 49.55 5.02
CA THR D 242 -16.54 50.04 4.84
C THR D 242 -16.08 49.65 3.44
N PRO D 243 -15.15 50.39 2.83
CA PRO D 243 -14.54 49.92 1.60
C PRO D 243 -13.86 48.57 1.81
N ARG D 244 -13.93 47.70 0.81
CA ARG D 244 -13.28 46.39 0.89
C ARG D 244 -12.74 46.02 -0.48
N CYS D 245 -11.44 45.76 -0.54
CA CYS D 245 -10.79 45.23 -1.74
CA CYS D 245 -10.87 45.19 -1.76
C CYS D 245 -10.18 43.88 -1.42
N TYR D 246 -10.13 43.01 -2.43
CA TYR D 246 -9.76 41.61 -2.28
C TYR D 246 -10.58 40.97 -1.17
N VAL D 247 -11.88 41.11 -1.34
CA VAL D 247 -12.88 40.69 -0.37
C VAL D 247 -13.56 39.44 -0.89
N GLY D 248 -13.87 38.52 0.01
CA GLY D 248 -14.69 37.38 -0.38
C GLY D 248 -16.17 37.73 -0.29
N ALA D 249 -16.96 37.03 -1.12
CA ALA D 249 -18.40 37.17 -1.08
C ALA D 249 -19.02 35.79 -1.20
N THR D 250 -19.99 35.49 -0.37
CA THR D 250 -20.72 34.26 -0.56
C THR D 250 -22.12 34.43 0.02
N VAL D 251 -22.97 33.45 -0.30
CA VAL D 251 -24.37 33.45 0.10
C VAL D 251 -24.57 32.22 0.96
N LEU D 252 -25.09 32.43 2.17
CA LEU D 252 -25.29 31.36 3.14
C LEU D 252 -26.72 31.46 3.65
N ARG D 253 -27.50 30.39 3.46
CA ARG D 253 -28.92 30.35 3.84
C ARG D 253 -29.64 31.60 3.33
N GLY D 254 -29.41 31.94 2.06
CA GLY D 254 -30.12 33.02 1.42
C GLY D 254 -29.72 34.42 1.80
N ARG D 255 -28.53 34.62 2.40
CA ARG D 255 -28.04 35.96 2.72
C ARG D 255 -26.64 36.17 2.13
N LEU D 256 -26.40 37.36 1.59
CA LEU D 256 -25.12 37.74 1.02
C LEU D 256 -24.17 38.24 2.10
N TYR D 257 -22.96 37.68 2.14
CA TYR D 257 -21.92 38.09 3.09
C TYR D 257 -20.67 38.54 2.35
N ALA D 258 -20.06 39.60 2.86
CA ALA D 258 -18.76 40.09 2.40
C ALA D 258 -17.74 39.87 3.51
N ILE D 259 -16.61 39.26 3.16
CA ILE D 259 -15.69 38.66 4.13
C ILE D 259 -14.32 39.33 4.04
N ALA D 260 -13.91 39.98 5.13
CA ALA D 260 -12.55 40.48 5.37
C ALA D 260 -12.20 41.49 4.27
N GLY D 261 -10.96 41.49 3.81
CA GLY D 261 -10.52 42.38 2.75
C GLY D 261 -9.64 43.51 3.27
N TYR D 262 -9.39 44.45 2.38
CA TYR D 262 -8.46 45.55 2.64
C TYR D 262 -9.21 46.85 2.37
N ASP D 263 -9.27 47.73 3.37
CA ASP D 263 -10.07 48.93 3.24
C ASP D 263 -9.30 50.10 2.64
N GLY D 264 -8.06 49.87 2.21
CA GLY D 264 -7.21 50.93 1.73
C GLY D 264 -6.20 51.41 2.74
N ASN D 265 -6.32 50.99 3.98
CA ASN D 265 -5.40 51.31 5.04
C ASN D 265 -5.03 50.11 5.88
N SER D 266 -5.97 49.22 6.16
CA SER D 266 -5.66 48.08 6.99
C SER D 266 -6.43 46.86 6.53
N LEU D 267 -5.95 45.70 6.96
CA LEU D 267 -6.63 44.45 6.76
C LEU D 267 -7.80 44.35 7.72
N LEU D 268 -8.92 43.83 7.22
CA LEU D 268 -10.14 43.74 8.00
C LEU D 268 -10.31 42.35 8.59
N SER D 269 -11.03 42.29 9.71
CA SER D 269 -11.35 41.03 10.35
C SER D 269 -12.85 40.83 10.42
N SER D 270 -13.60 41.73 9.80
CA SER D 270 -15.05 41.73 9.90
C SER D 270 -15.71 41.05 8.71
N ILE D 271 -16.92 40.59 8.96
CA ILE D 271 -17.83 40.05 7.95
C ILE D 271 -19.11 40.86 8.07
N GLU D 272 -19.62 41.35 6.95
CA GLU D 272 -20.89 42.07 7.03
C GLU D 272 -21.90 41.42 6.12
N CYS D 273 -23.16 41.69 6.42
CA CYS D 273 -24.29 40.98 5.83
C CYS D 273 -25.27 41.94 5.20
N TYR D 274 -25.77 41.57 4.02
CA TYR D 274 -26.68 42.40 3.25
C TYR D 274 -28.13 41.94 3.43
N ASP D 275 -29.02 42.90 3.59
CA ASP D 275 -30.46 42.65 3.68
C ASP D 275 -31.12 43.28 2.46
N PRO D 276 -31.58 42.49 1.48
CA PRO D 276 -32.12 43.11 0.26
C PRO D 276 -33.48 43.77 0.46
N ILE D 277 -34.19 43.44 1.54
CA ILE D 277 -35.49 44.05 1.83
C ILE D 277 -35.30 45.43 2.46
N ILE D 278 -34.44 45.53 3.47
CA ILE D 278 -34.07 46.84 4.03
C ILE D 278 -33.09 47.60 3.17
N ASP D 279 -32.44 46.93 2.22
CA ASP D 279 -31.37 47.51 1.39
C ASP D 279 -30.32 48.21 2.25
N SER D 280 -29.69 47.45 3.13
CA SER D 280 -28.59 47.99 3.92
C SER D 280 -27.66 46.84 4.32
N TRP D 281 -26.48 47.23 4.77
CA TRP D 281 -25.43 46.31 5.21
C TRP D 281 -25.21 46.47 6.70
N GLU D 282 -24.88 45.37 7.37
CA GLU D 282 -24.42 45.49 8.75
C GLU D 282 -23.32 44.48 9.04
N VAL D 283 -22.35 44.90 9.85
CA VAL D 283 -21.35 43.96 10.32
C VAL D 283 -22.00 42.95 11.24
N VAL D 284 -21.63 41.67 11.08
CA VAL D 284 -22.16 40.61 11.94
C VAL D 284 -21.09 40.00 12.83
N THR D 285 -19.80 40.20 12.53
CA THR D 285 -18.71 39.81 13.41
C THR D 285 -17.47 40.63 13.08
N SER D 286 -16.65 40.84 14.10
CA SER D 286 -15.35 41.50 13.93
C SER D 286 -14.19 40.61 14.33
N MET D 287 -14.44 39.35 14.67
N MET D 287 -14.45 39.35 14.67
CA MET D 287 -13.45 38.51 15.35
CA MET D 287 -13.45 38.51 15.34
C MET D 287 -12.74 37.50 14.43
C MET D 287 -12.79 37.47 14.42
N GLY D 288 -12.72 37.74 13.11
CA GLY D 288 -11.96 36.86 12.22
C GLY D 288 -10.47 37.23 12.22
N THR D 289 -9.65 36.38 11.59
CA THR D 289 -8.28 36.79 11.31
C THR D 289 -8.30 37.95 10.32
N GLN D 290 -7.54 39.00 10.60
CA GLN D 290 -7.35 40.08 9.62
C GLN D 290 -6.66 39.52 8.37
N ARG D 291 -7.26 39.73 7.19
CA ARG D 291 -6.64 39.23 5.96
C ARG D 291 -7.39 39.71 4.73
N CYS D 292 -6.72 39.62 3.58
CA CYS D 292 -7.34 39.90 2.29
C CYS D 292 -6.83 38.90 1.24
N ASP D 293 -7.45 38.94 0.06
CA ASP D 293 -7.31 37.92 -1.00
C ASP D 293 -7.22 36.49 -0.44
N ALA D 294 -8.11 36.19 0.50
CA ALA D 294 -8.25 34.84 0.99
C ALA D 294 -9.28 34.09 0.14
N GLY D 295 -9.40 32.79 0.37
CA GLY D 295 -10.39 31.98 -0.31
C GLY D 295 -11.58 31.75 0.61
N VAL D 296 -12.78 31.72 0.02
CA VAL D 296 -14.00 31.58 0.79
C VAL D 296 -14.92 30.61 0.07
N CYS D 297 -15.56 29.74 0.84
CA CYS D 297 -16.60 28.87 0.30
C CYS D 297 -17.55 28.54 1.44
N VAL D 298 -18.61 27.78 1.11
CA VAL D 298 -19.67 27.46 2.06
C VAL D 298 -19.63 25.97 2.35
N LEU D 299 -19.71 25.61 3.62
CA LEU D 299 -19.71 24.24 4.07
C LEU D 299 -21.05 23.89 4.68
N ARG D 300 -21.54 22.70 4.36
CA ARG D 300 -22.77 22.18 4.96
C ARG D 300 -22.35 21.28 6.12
N GLU D 301 -22.68 21.72 7.35
CA GLU D 301 -22.48 20.89 8.53
C GLU D 301 -23.76 20.11 8.81
N PRO E 4 9.71 -8.21 -14.52
CA PRO E 4 9.29 -8.03 -13.12
C PRO E 4 8.40 -6.81 -12.93
N GLY E 5 7.09 -7.03 -12.94
CA GLY E 5 6.13 -5.98 -12.69
C GLY E 5 5.93 -4.99 -13.82
N GLY E 6 6.48 -5.24 -14.99
CA GLY E 6 6.32 -4.34 -16.11
C GLY E 6 4.99 -4.50 -16.79
N PRO E 7 4.65 -3.51 -17.64
CA PRO E 7 3.37 -3.56 -18.33
C PRO E 7 3.33 -4.74 -19.28
N PRO E 8 2.13 -5.29 -19.55
CA PRO E 8 1.92 -6.51 -20.36
C PRO E 8 2.45 -6.39 -21.79
N PRO F 4 4.11 5.61 26.32
CA PRO F 4 4.03 6.97 26.83
C PRO F 4 3.09 7.13 28.03
N GLY F 5 3.43 8.04 28.94
CA GLY F 5 2.67 8.20 30.16
C GLY F 5 3.02 7.22 31.25
N GLY F 6 4.07 6.42 31.06
CA GLY F 6 4.46 5.44 32.04
C GLY F 6 5.20 6.06 33.21
N PRO F 7 5.41 5.26 34.25
CA PRO F 7 6.14 5.75 35.41
C PRO F 7 7.57 6.10 35.05
N PRO F 8 8.15 7.12 35.70
CA PRO F 8 9.48 7.69 35.40
C PRO F 8 10.60 6.65 35.29
N PRO G 4 -3.95 45.20 -8.29
CA PRO G 4 -3.89 46.64 -7.98
C PRO G 4 -4.81 47.04 -6.84
N GLY G 5 -4.40 48.07 -6.09
CA GLY G 5 -5.09 48.42 -4.87
C GLY G 5 -4.76 47.53 -3.69
N GLY G 6 -3.69 46.75 -3.79
CA GLY G 6 -3.33 45.83 -2.74
C GLY G 6 -2.55 46.46 -1.60
N PRO G 7 -2.49 45.76 -0.48
CA PRO G 7 -1.76 46.26 0.69
C PRO G 7 -0.29 46.45 0.37
N PRO G 8 0.46 47.18 1.24
CA PRO G 8 1.88 47.43 0.95
C PRO G 8 2.76 46.20 1.15
N PRO H 4 -5.11 -27.51 -20.97
CA PRO H 4 -4.93 -27.63 -22.41
C PRO H 4 -4.08 -28.85 -22.80
N GLY H 5 -4.24 -29.34 -24.02
CA GLY H 5 -3.59 -30.55 -24.47
C GLY H 5 -4.23 -31.83 -24.03
N GLY H 6 -5.35 -31.76 -23.32
CA GLY H 6 -6.02 -32.93 -22.78
C GLY H 6 -7.04 -33.52 -23.73
N PRO H 7 -7.71 -34.58 -23.28
CA PRO H 7 -8.71 -35.33 -24.05
C PRO H 7 -9.89 -34.46 -24.50
C1 EDO I . -7.04 -16.82 -13.53
O1 EDO I . -7.36 -17.64 -14.66
C2 EDO I . -5.59 -16.36 -13.66
O2 EDO I . -5.33 -15.34 -12.69
CL CL J . 3.62 7.47 3.33
NA NA K . 0.99 15.56 -1.36
NA NA L . 24.96 7.46 -37.80
NA NA M . -4.32 3.99 -13.47
C1 EDO N . 14.34 25.78 -13.45
O1 EDO N . 14.20 25.70 -12.03
C2 EDO N . 12.99 25.50 -14.11
O2 EDO N . 13.02 25.83 -15.51
C1 EDO O . 20.47 13.94 -13.53
O1 EDO O . 19.69 12.76 -13.27
C2 EDO O . 20.63 14.04 -15.03
O2 EDO O . 21.10 15.32 -15.47
C1 EDO P . 9.55 30.56 -10.62
O1 EDO P . 9.64 31.74 -9.84
C2 EDO P . 8.23 29.80 -10.39
O2 EDO P . 7.17 30.46 -11.11
C1 EDO Q . -0.79 12.27 21.27
O1 EDO Q . 0.42 12.33 20.50
C2 EDO Q . -1.85 13.17 20.65
O2 EDO Q . -1.94 12.92 19.25
#